data_1TI5
#
_entry.id   1TI5
#
_entity_poly.entity_id   1
_entity_poly.type   'polypeptide(L)'
_entity_poly.pdbx_seq_one_letter_code
;RTCMIKKEGWGKCLIDTTCAHSCKNRGYIGGNCKGMTRTCYCLVNC
;
_entity_poly.pdbx_strand_id   A
#
# COMPACT_ATOMS: atom_id res chain seq x y z
N ARG A 1 13.34 8.20 -3.73
CA ARG A 1 11.94 8.68 -3.94
C ARG A 1 10.99 7.49 -4.11
N THR A 2 9.72 7.75 -4.06
CA THR A 2 8.74 6.65 -4.24
C THR A 2 7.36 7.18 -4.58
N CYS A 3 6.55 6.35 -5.15
CA CYS A 3 5.16 6.77 -5.47
C CYS A 3 4.20 5.70 -4.96
N MET A 4 3.13 6.12 -4.38
CA MET A 4 2.15 5.15 -3.82
C MET A 4 0.86 5.13 -4.62
N ILE A 5 0.25 3.98 -4.70
CA ILE A 5 -1.02 3.85 -5.45
C ILE A 5 -2.08 3.26 -4.52
N LYS A 6 -3.27 3.09 -5.01
CA LYS A 6 -4.35 2.52 -4.15
C LYS A 6 -4.56 1.04 -4.46
N LYS A 7 -4.16 0.17 -3.56
CA LYS A 7 -4.37 -1.28 -3.82
C LYS A 7 -5.66 -1.75 -3.18
N GLU A 8 -6.73 -1.10 -3.54
CA GLU A 8 -8.06 -1.46 -2.97
C GLU A 8 -8.45 -2.87 -3.44
N GLY A 9 -7.89 -3.33 -4.52
CA GLY A 9 -8.24 -4.68 -5.03
C GLY A 9 -7.69 -5.74 -4.08
N TRP A 10 -6.93 -5.33 -3.10
CA TRP A 10 -6.37 -6.32 -2.14
C TRP A 10 -7.25 -6.42 -0.89
N GLY A 11 -7.99 -5.39 -0.59
CA GLY A 11 -8.87 -5.42 0.61
C GLY A 11 -8.44 -4.33 1.58
N LYS A 12 -9.38 -3.69 2.22
CA LYS A 12 -9.04 -2.62 3.18
C LYS A 12 -7.83 -3.02 4.02
N CYS A 13 -7.21 -2.08 4.69
CA CYS A 13 -6.02 -2.40 5.51
C CYS A 13 -6.34 -2.25 7.00
N LEU A 14 -5.66 -3.00 7.83
CA LEU A 14 -5.91 -2.91 9.29
C LEU A 14 -4.75 -2.17 9.99
N ILE A 15 -3.57 -2.30 9.45
CA ILE A 15 -2.40 -1.62 10.06
C ILE A 15 -1.81 -0.59 9.09
N ASP A 16 -0.51 -0.43 9.11
CA ASP A 16 0.14 0.53 8.18
C ASP A 16 1.13 -0.22 7.28
N THR A 17 1.63 -1.32 7.75
CA THR A 17 2.59 -2.12 6.93
C THR A 17 1.84 -3.28 6.26
N THR A 18 0.83 -3.80 6.90
CA THR A 18 0.05 -4.91 6.28
C THR A 18 -0.13 -4.63 4.79
N CYS A 19 -0.50 -3.43 4.45
CA CYS A 19 -0.67 -3.08 3.02
C CYS A 19 0.70 -3.08 2.33
N ALA A 20 1.65 -2.42 2.95
CA ALA A 20 3.03 -2.36 2.37
C ALA A 20 3.52 -3.76 2.00
N HIS A 21 3.19 -4.74 2.79
CA HIS A 21 3.65 -6.13 2.48
C HIS A 21 3.21 -6.50 1.06
N SER A 22 1.93 -6.53 0.82
CA SER A 22 1.44 -6.88 -0.55
C SER A 22 2.11 -5.96 -1.57
N CYS A 23 2.26 -4.72 -1.24
CA CYS A 23 2.90 -3.76 -2.20
C CYS A 23 4.29 -4.25 -2.59
N LYS A 24 5.17 -4.35 -1.64
CA LYS A 24 6.54 -4.82 -1.95
C LYS A 24 6.47 -6.09 -2.78
N ASN A 25 5.89 -7.13 -2.22
CA ASN A 25 5.76 -8.42 -2.95
C ASN A 25 5.24 -8.19 -4.36
N ARG A 26 4.46 -7.16 -4.56
CA ARG A 26 3.94 -6.89 -5.92
C ARG A 26 5.03 -6.20 -6.74
N GLY A 27 5.98 -5.62 -6.06
CA GLY A 27 7.08 -4.92 -6.77
C GLY A 27 7.10 -3.47 -6.35
N TYR A 28 6.84 -3.19 -5.10
CA TYR A 28 6.84 -1.78 -4.64
C TYR A 28 7.80 -1.60 -3.46
N ILE A 29 8.10 -0.39 -3.10
CA ILE A 29 9.00 -0.16 -1.94
C ILE A 29 8.24 -0.42 -0.66
N GLY A 30 6.96 -0.20 -0.73
CA GLY A 30 6.10 -0.41 0.47
C GLY A 30 4.67 -0.01 0.16
N GLY A 31 3.88 0.27 1.16
CA GLY A 31 2.48 0.67 0.91
C GLY A 31 1.91 1.37 2.14
N ASN A 32 0.67 1.79 2.08
CA ASN A 32 0.06 2.47 3.26
C ASN A 32 -1.37 2.02 3.45
N CYS A 33 -1.96 2.45 4.53
CA CYS A 33 -3.37 2.10 4.82
C CYS A 33 -4.14 3.38 5.16
N LYS A 34 -4.91 3.87 4.23
CA LYS A 34 -5.67 5.13 4.49
C LYS A 34 -6.91 4.83 5.32
N GLY A 35 -7.02 5.42 6.48
CA GLY A 35 -8.20 5.19 7.34
C GLY A 35 -9.42 5.87 6.73
N MET A 36 -9.25 7.02 6.14
CA MET A 36 -10.39 7.73 5.51
C MET A 36 -11.12 6.79 4.55
N THR A 37 -10.41 5.93 3.88
CA THR A 37 -11.07 4.99 2.94
C THR A 37 -10.64 3.55 3.23
N ARG A 38 -9.97 3.34 4.33
CA ARG A 38 -9.53 1.96 4.68
C ARG A 38 -9.04 1.23 3.43
N THR A 39 -8.08 1.79 2.74
CA THR A 39 -7.56 1.14 1.51
C THR A 39 -6.05 0.89 1.63
N CYS A 40 -5.53 0.01 0.82
CA CYS A 40 -4.06 -0.29 0.88
C CYS A 40 -3.31 0.45 -0.23
N TYR A 41 -2.31 1.21 0.11
CA TYR A 41 -1.52 1.91 -0.93
C TYR A 41 -0.17 1.23 -1.11
N CYS A 42 0.55 1.55 -2.14
CA CYS A 42 1.88 0.89 -2.33
C CYS A 42 2.90 1.87 -2.92
N LEU A 43 3.96 2.13 -2.21
CA LEU A 43 4.98 3.08 -2.73
C LEU A 43 5.97 2.37 -3.65
N VAL A 44 6.35 3.02 -4.71
CA VAL A 44 7.30 2.42 -5.68
C VAL A 44 8.47 3.36 -5.92
N ASN A 45 9.51 2.89 -6.52
CA ASN A 45 10.64 3.79 -6.80
C ASN A 45 10.24 4.65 -7.98
N CYS A 46 9.63 5.76 -7.68
CA CYS A 46 9.12 6.64 -8.75
C CYS A 46 9.81 8.02 -8.68
N ARG A 1 12.99 8.62 -4.43
CA ARG A 1 11.57 9.06 -4.48
C ARG A 1 10.65 7.86 -4.59
N THR A 2 9.37 8.07 -4.43
CA THR A 2 8.42 6.95 -4.54
C THR A 2 7.02 7.43 -4.88
N CYS A 3 6.22 6.56 -5.41
CA CYS A 3 4.82 6.92 -5.72
C CYS A 3 3.91 5.83 -5.18
N MET A 4 2.82 6.21 -4.61
CA MET A 4 1.89 5.21 -4.02
C MET A 4 0.60 5.11 -4.84
N ILE A 5 0.07 3.93 -4.90
CA ILE A 5 -1.17 3.71 -5.66
C ILE A 5 -2.24 3.13 -4.73
N LYS A 6 -3.40 2.89 -5.25
CA LYS A 6 -4.50 2.33 -4.40
C LYS A 6 -4.59 0.82 -4.59
N LYS A 7 -4.20 0.06 -3.61
CA LYS A 7 -4.29 -1.42 -3.75
C LYS A 7 -5.56 -1.93 -3.06
N GLU A 8 -6.67 -1.38 -3.45
CA GLU A 8 -7.96 -1.80 -2.84
C GLU A 8 -8.27 -3.25 -3.24
N GLY A 9 -7.77 -3.69 -4.36
CA GLY A 9 -8.03 -5.10 -4.80
C GLY A 9 -7.47 -6.07 -3.76
N TRP A 10 -6.66 -5.59 -2.86
CA TRP A 10 -6.07 -6.49 -1.83
C TRP A 10 -6.95 -6.52 -0.59
N GLY A 11 -7.82 -5.54 -0.44
CA GLY A 11 -8.71 -5.52 0.75
C GLY A 11 -8.27 -4.41 1.70
N LYS A 12 -9.21 -3.71 2.28
CA LYS A 12 -8.86 -2.60 3.21
C LYS A 12 -7.69 -3.03 4.11
N CYS A 13 -7.06 -2.09 4.75
CA CYS A 13 -5.90 -2.44 5.63
C CYS A 13 -6.26 -2.23 7.10
N LEU A 14 -5.65 -2.98 7.97
CA LEU A 14 -5.93 -2.83 9.42
C LEU A 14 -4.77 -2.12 10.11
N ILE A 15 -3.59 -2.31 9.61
CA ILE A 15 -2.39 -1.66 10.24
C ILE A 15 -1.85 -0.56 9.32
N ASP A 16 -0.55 -0.41 9.27
CA ASP A 16 0.05 0.64 8.38
C ASP A 16 1.09 0.00 7.47
N THR A 17 1.60 -1.14 7.83
CA THR A 17 2.61 -1.84 6.99
C THR A 17 1.97 -3.02 6.27
N THR A 18 0.97 -3.63 6.86
CA THR A 18 0.30 -4.78 6.19
C THR A 18 0.18 -4.49 4.70
N CYS A 19 -0.41 -3.38 4.36
CA CYS A 19 -0.55 -3.03 2.92
C CYS A 19 0.84 -2.96 2.29
N ALA A 20 1.73 -2.22 2.90
CA ALA A 20 3.12 -2.09 2.37
C ALA A 20 3.70 -3.46 2.01
N HIS A 21 3.47 -4.45 2.83
CA HIS A 21 4.01 -5.80 2.52
C HIS A 21 3.58 -6.23 1.13
N SER A 22 2.30 -6.35 0.91
CA SER A 22 1.80 -6.76 -0.43
C SER A 22 2.38 -5.84 -1.50
N CYS A 23 2.50 -4.58 -1.20
CA CYS A 23 3.04 -3.61 -2.19
C CYS A 23 4.44 -4.03 -2.63
N LYS A 24 5.37 -4.07 -1.72
CA LYS A 24 6.75 -4.46 -2.08
C LYS A 24 6.71 -5.78 -2.87
N ASN A 25 6.21 -6.81 -2.26
CA ASN A 25 6.12 -8.14 -2.95
C ASN A 25 5.54 -7.98 -4.35
N ARG A 26 4.71 -7.00 -4.56
CA ARG A 26 4.13 -6.79 -5.90
C ARG A 26 5.15 -6.06 -6.77
N GLY A 27 6.05 -5.37 -6.14
CA GLY A 27 7.08 -4.63 -6.91
C GLY A 27 7.05 -3.16 -6.49
N TYR A 28 6.90 -2.90 -5.22
CA TYR A 28 6.86 -1.49 -4.75
C TYR A 28 7.83 -1.27 -3.59
N ILE A 29 8.05 -0.04 -3.23
CA ILE A 29 8.97 0.23 -2.08
C ILE A 29 8.23 -0.03 -0.79
N GLY A 30 6.95 0.15 -0.84
CA GLY A 30 6.11 -0.08 0.38
C GLY A 30 4.66 0.25 0.07
N GLY A 31 3.88 0.53 1.08
CA GLY A 31 2.45 0.85 0.84
C GLY A 31 1.87 1.60 2.05
N ASN A 32 0.58 1.64 2.15
CA ASN A 32 -0.04 2.35 3.32
C ASN A 32 -1.42 1.77 3.64
N CYS A 33 -2.01 2.27 4.68
CA CYS A 33 -3.36 1.81 5.09
C CYS A 33 -4.21 3.03 5.46
N LYS A 34 -4.99 3.52 4.53
CA LYS A 34 -5.82 4.72 4.83
C LYS A 34 -7.08 4.33 5.62
N GLY A 35 -7.26 4.92 6.77
CA GLY A 35 -8.46 4.58 7.58
C GLY A 35 -9.68 5.30 7.00
N MET A 36 -9.48 6.49 6.48
CA MET A 36 -10.61 7.24 5.88
C MET A 36 -11.21 6.45 4.72
N THR A 37 -10.38 5.80 3.95
CA THR A 37 -10.88 5.00 2.80
C THR A 37 -10.57 3.52 3.01
N ARG A 38 -10.01 3.19 4.14
CA ARG A 38 -9.67 1.75 4.41
C ARG A 38 -9.13 1.10 3.15
N THR A 39 -8.09 1.64 2.58
CA THR A 39 -7.52 1.05 1.34
C THR A 39 -6.01 0.81 1.48
N CYS A 40 -5.47 -0.07 0.70
CA CYS A 40 -4.02 -0.36 0.78
C CYS A 40 -3.26 0.36 -0.33
N TYR A 41 -2.38 1.26 0.01
CA TYR A 41 -1.61 1.97 -1.04
C TYR A 41 -0.23 1.34 -1.18
N CYS A 42 0.46 1.60 -2.26
CA CYS A 42 1.82 0.99 -2.41
C CYS A 42 2.79 1.99 -3.04
N LEU A 43 3.83 2.33 -2.33
CA LEU A 43 4.82 3.30 -2.89
C LEU A 43 5.81 2.61 -3.79
N VAL A 44 6.15 3.23 -4.88
CA VAL A 44 7.12 2.64 -5.84
C VAL A 44 8.24 3.62 -6.11
N ASN A 45 9.30 3.17 -6.72
CA ASN A 45 10.39 4.09 -7.04
C ASN A 45 9.94 4.91 -8.24
N CYS A 46 9.31 6.00 -7.96
CA CYS A 46 8.76 6.85 -9.04
C CYS A 46 9.40 8.23 -9.03
N ARG A 1 13.48 7.91 -4.72
CA ARG A 1 12.10 8.45 -4.61
C ARG A 1 11.08 7.31 -4.74
N THR A 2 9.85 7.59 -4.42
CA THR A 2 8.81 6.55 -4.55
C THR A 2 7.44 7.16 -4.79
N CYS A 3 6.56 6.38 -5.34
CA CYS A 3 5.17 6.88 -5.55
C CYS A 3 4.20 5.86 -4.98
N MET A 4 3.19 6.32 -4.33
CA MET A 4 2.20 5.38 -3.72
C MET A 4 0.87 5.41 -4.46
N ILE A 5 0.22 4.29 -4.51
CA ILE A 5 -1.09 4.21 -5.20
C ILE A 5 -2.12 3.65 -4.22
N LYS A 6 -3.33 3.51 -4.66
CA LYS A 6 -4.39 2.98 -3.75
C LYS A 6 -4.67 1.51 -4.06
N LYS A 7 -4.27 0.63 -3.18
CA LYS A 7 -4.53 -0.82 -3.45
C LYS A 7 -5.84 -1.23 -2.79
N GLU A 8 -6.89 -0.54 -3.11
CA GLU A 8 -8.21 -0.85 -2.52
C GLU A 8 -8.68 -2.23 -2.99
N GLY A 9 -8.26 -2.64 -4.15
CA GLY A 9 -8.69 -3.98 -4.67
C GLY A 9 -8.15 -5.07 -3.75
N TRP A 10 -7.27 -4.72 -2.85
CA TRP A 10 -6.71 -5.75 -1.92
C TRP A 10 -7.52 -5.79 -0.63
N GLY A 11 -8.25 -4.75 -0.34
CA GLY A 11 -9.06 -4.72 0.90
C GLY A 11 -8.41 -3.79 1.92
N LYS A 12 -9.21 -3.06 2.64
CA LYS A 12 -8.65 -2.12 3.66
C LYS A 12 -7.46 -2.77 4.37
N CYS A 13 -6.57 -1.97 4.90
CA CYS A 13 -5.38 -2.54 5.59
C CYS A 13 -5.63 -2.66 7.09
N LEU A 14 -5.03 -3.62 7.72
CA LEU A 14 -5.22 -3.81 9.19
C LEU A 14 -3.96 -3.36 9.94
N ILE A 15 -2.83 -3.50 9.33
CA ILE A 15 -1.56 -3.09 10.00
C ILE A 15 -0.90 -1.93 9.25
N ASP A 16 0.38 -1.77 9.39
CA ASP A 16 1.08 -0.68 8.67
C ASP A 16 1.91 -1.25 7.52
N THR A 17 2.32 -2.48 7.64
CA THR A 17 3.13 -3.12 6.57
C THR A 17 2.25 -4.08 5.76
N THR A 18 1.25 -4.64 6.39
CA THR A 18 0.35 -5.58 5.65
C THR A 18 0.12 -5.05 4.24
N CYS A 19 -0.35 -3.84 4.11
CA CYS A 19 -0.56 -3.27 2.76
C CYS A 19 0.76 -3.27 2.00
N ALA A 20 1.78 -2.73 2.60
CA ALA A 20 3.12 -2.69 1.94
C ALA A 20 3.50 -4.08 1.43
N HIS A 21 3.24 -5.10 2.19
CA HIS A 21 3.60 -6.48 1.74
C HIS A 21 3.02 -6.73 0.34
N SER A 22 1.73 -6.61 0.20
CA SER A 22 1.11 -6.82 -1.14
C SER A 22 1.72 -5.86 -2.15
N CYS A 23 2.01 -4.66 -1.74
CA CYS A 23 2.60 -3.66 -2.69
C CYS A 23 3.93 -4.18 -3.23
N LYS A 24 4.87 -4.42 -2.37
CA LYS A 24 6.19 -4.92 -2.84
C LYS A 24 5.98 -6.13 -3.74
N ASN A 25 5.40 -7.17 -3.22
CA ASN A 25 5.15 -8.41 -4.02
C ASN A 25 4.63 -8.04 -5.41
N ARG A 26 3.94 -6.96 -5.53
CA ARG A 26 3.42 -6.55 -6.87
C ARG A 26 4.55 -5.90 -7.65
N GLY A 27 5.46 -5.29 -6.95
CA GLY A 27 6.60 -4.62 -7.62
C GLY A 27 6.73 -3.21 -7.06
N TYR A 28 6.49 -3.04 -5.79
CA TYR A 28 6.57 -1.68 -5.19
C TYR A 28 7.60 -1.65 -4.06
N ILE A 29 7.96 -0.49 -3.61
CA ILE A 29 8.94 -0.38 -2.51
C ILE A 29 8.22 -0.67 -1.20
N GLY A 30 6.96 -0.38 -1.17
CA GLY A 30 6.16 -0.62 0.07
C GLY A 30 4.73 -0.14 -0.14
N GLY A 31 4.02 0.09 0.93
CA GLY A 31 2.62 0.56 0.82
C GLY A 31 2.17 1.18 2.15
N ASN A 32 1.02 1.79 2.19
CA ASN A 32 0.56 2.40 3.46
C ASN A 32 -0.85 1.92 3.82
N CYS A 33 -1.22 2.09 5.06
CA CYS A 33 -2.58 1.69 5.52
C CYS A 33 -3.29 2.90 6.11
N LYS A 34 -4.13 3.54 5.35
CA LYS A 34 -4.84 4.74 5.87
C LYS A 34 -6.01 4.34 6.77
N GLY A 35 -5.99 4.73 8.02
CA GLY A 35 -7.11 4.38 8.93
C GLY A 35 -8.32 5.25 8.60
N MET A 36 -8.07 6.49 8.26
CA MET A 36 -9.20 7.40 7.92
C MET A 36 -9.89 6.94 6.64
N THR A 37 -9.18 6.25 5.79
CA THR A 37 -9.81 5.76 4.52
C THR A 37 -9.75 4.23 4.47
N ARG A 38 -9.20 3.60 5.48
CA ARG A 38 -9.12 2.12 5.49
C ARG A 38 -8.75 1.60 4.10
N THR A 39 -7.66 2.08 3.55
CA THR A 39 -7.25 1.61 2.20
C THR A 39 -5.75 1.30 2.16
N CYS A 40 -5.35 0.40 1.32
CA CYS A 40 -3.90 0.04 1.24
C CYS A 40 -3.22 0.79 0.10
N TYR A 41 -2.11 1.42 0.38
CA TYR A 41 -1.39 2.14 -0.71
C TYR A 41 -0.09 1.41 -1.02
N CYS A 42 0.58 1.76 -2.09
CA CYS A 42 1.85 1.04 -2.40
C CYS A 42 2.87 2.01 -3.00
N LEU A 43 3.99 2.17 -2.35
CA LEU A 43 5.03 3.09 -2.88
C LEU A 43 5.93 2.37 -3.89
N VAL A 44 6.25 3.04 -4.95
CA VAL A 44 7.11 2.43 -6.01
C VAL A 44 8.30 3.35 -6.28
N ASN A 45 9.28 2.85 -6.96
CA ASN A 45 10.44 3.70 -7.28
C ASN A 45 10.00 4.61 -8.42
N CYS A 46 9.46 5.73 -8.05
CA CYS A 46 8.93 6.67 -9.05
C CYS A 46 9.67 8.02 -8.99
N ARG A 1 13.04 8.56 -5.19
CA ARG A 1 11.60 8.97 -5.09
C ARG A 1 10.70 7.75 -5.16
N THR A 2 9.45 7.93 -4.87
CA THR A 2 8.51 6.78 -4.96
C THR A 2 7.09 7.26 -5.26
N CYS A 3 6.28 6.38 -5.75
CA CYS A 3 4.87 6.76 -6.03
C CYS A 3 3.96 5.71 -5.39
N MET A 4 2.91 6.14 -4.80
CA MET A 4 1.97 5.20 -4.13
C MET A 4 0.65 5.11 -4.88
N ILE A 5 0.11 3.92 -4.93
CA ILE A 5 -1.18 3.72 -5.64
C ILE A 5 -2.21 3.17 -4.65
N LYS A 6 -3.41 2.97 -5.10
CA LYS A 6 -4.47 2.43 -4.20
C LYS A 6 -4.63 0.94 -4.42
N LYS A 7 -4.21 0.13 -3.47
CA LYS A 7 -4.35 -1.33 -3.65
C LYS A 7 -5.60 -1.83 -2.92
N GLU A 8 -6.72 -1.25 -3.25
CA GLU A 8 -7.99 -1.66 -2.60
C GLU A 8 -8.37 -3.07 -3.04
N GLY A 9 -7.85 -3.52 -4.15
CA GLY A 9 -8.18 -4.89 -4.64
C GLY A 9 -7.58 -5.93 -3.70
N TRP A 10 -6.78 -5.49 -2.77
CA TRP A 10 -6.14 -6.47 -1.83
C TRP A 10 -6.98 -6.57 -0.54
N GLY A 11 -7.87 -5.64 -0.33
CA GLY A 11 -8.70 -5.68 0.90
C GLY A 11 -8.27 -4.56 1.84
N LYS A 12 -9.22 -3.93 2.48
CA LYS A 12 -8.88 -2.82 3.42
C LYS A 12 -7.64 -3.18 4.24
N CYS A 13 -6.93 -2.21 4.73
CA CYS A 13 -5.71 -2.52 5.54
C CYS A 13 -6.00 -2.40 7.03
N LEU A 14 -5.27 -3.11 7.84
CA LEU A 14 -5.49 -3.05 9.31
C LEU A 14 -4.35 -2.28 9.98
N ILE A 15 -3.18 -2.37 9.42
CA ILE A 15 -2.00 -1.64 10.01
C ILE A 15 -1.47 -0.60 9.02
N ASP A 16 -0.19 -0.31 9.09
CA ASP A 16 0.40 0.68 8.15
C ASP A 16 1.38 -0.02 7.21
N THR A 17 1.93 -1.13 7.65
CA THR A 17 2.88 -1.87 6.79
C THR A 17 2.16 -3.04 6.13
N THR A 18 1.15 -3.57 6.78
CA THR A 18 0.40 -4.71 6.17
C THR A 18 0.21 -4.45 4.67
N CYS A 19 -0.25 -3.29 4.32
CA CYS A 19 -0.43 -2.97 2.87
C CYS A 19 0.94 -2.97 2.20
N ALA A 20 1.88 -2.25 2.76
CA ALA A 20 3.25 -2.18 2.18
C ALA A 20 3.77 -3.58 1.84
N HIS A 21 3.50 -4.55 2.68
CA HIS A 21 3.98 -5.92 2.39
C HIS A 21 3.55 -6.35 0.99
N SER A 22 2.26 -6.39 0.76
CA SER A 22 1.76 -6.79 -0.59
C SER A 22 2.35 -5.87 -1.65
N CYS A 23 2.48 -4.60 -1.35
CA CYS A 23 3.06 -3.65 -2.34
C CYS A 23 4.47 -4.09 -2.73
N LYS A 24 5.37 -4.13 -1.79
CA LYS A 24 6.75 -4.55 -2.10
C LYS A 24 6.73 -5.87 -2.88
N ASN A 25 6.20 -6.89 -2.27
CA ASN A 25 6.13 -8.22 -2.94
C ASN A 25 5.50 -8.09 -4.32
N ARG A 26 4.67 -7.11 -4.51
CA ARG A 26 4.03 -6.94 -5.85
C ARG A 26 5.04 -6.26 -6.77
N GLY A 27 6.00 -5.58 -6.20
CA GLY A 27 7.02 -4.90 -7.03
C GLY A 27 7.05 -3.42 -6.66
N TYR A 28 6.90 -3.11 -5.40
CA TYR A 28 6.92 -1.67 -4.98
C TYR A 28 7.91 -1.45 -3.85
N ILE A 29 8.16 -0.22 -3.51
CA ILE A 29 9.10 0.06 -2.39
C ILE A 29 8.39 -0.19 -1.09
N GLY A 30 7.10 -0.01 -1.11
CA GLY A 30 6.30 -0.23 0.13
C GLY A 30 4.84 0.12 -0.14
N GLY A 31 4.09 0.42 0.88
CA GLY A 31 2.66 0.76 0.68
C GLY A 31 2.13 1.52 1.89
N ASN A 32 0.84 1.66 2.00
CA ASN A 32 0.28 2.39 3.17
C ASN A 32 -1.16 1.93 3.45
N CYS A 33 -1.73 2.45 4.48
CA CYS A 33 -3.13 2.09 4.85
C CYS A 33 -3.88 3.35 5.27
N LYS A 34 -4.93 3.68 4.58
CA LYS A 34 -5.69 4.92 4.93
C LYS A 34 -6.61 4.67 6.13
N GLY A 35 -7.14 5.71 6.71
CA GLY A 35 -8.03 5.54 7.88
C GLY A 35 -9.47 5.84 7.48
N MET A 36 -9.65 6.71 6.52
CA MET A 36 -11.04 7.05 6.08
C MET A 36 -11.67 5.85 5.37
N THR A 37 -10.87 4.96 4.86
CA THR A 37 -11.42 3.77 4.16
C THR A 37 -10.53 2.55 4.42
N ARG A 38 -9.60 2.66 5.32
CA ARG A 38 -8.71 1.51 5.63
C ARG A 38 -8.30 0.80 4.33
N THR A 39 -7.77 1.53 3.39
CA THR A 39 -7.36 0.90 2.10
C THR A 39 -5.86 0.55 2.13
N CYS A 40 -5.31 0.20 1.00
CA CYS A 40 -3.87 -0.16 0.97
C CYS A 40 -3.17 0.54 -0.21
N TYR A 41 -2.14 1.29 0.06
CA TYR A 41 -1.41 1.97 -1.05
C TYR A 41 -0.05 1.30 -1.26
N CYS A 42 0.60 1.58 -2.35
CA CYS A 42 1.94 0.95 -2.56
C CYS A 42 2.90 1.94 -3.21
N LEU A 43 4.00 2.23 -2.54
CA LEU A 43 4.97 3.19 -3.12
C LEU A 43 5.95 2.47 -4.05
N VAL A 44 6.23 3.08 -5.16
CA VAL A 44 7.16 2.47 -6.15
C VAL A 44 8.27 3.46 -6.48
N ASN A 45 9.30 2.99 -7.11
CA ASN A 45 10.38 3.92 -7.48
C ASN A 45 9.88 4.70 -8.68
N CYS A 46 9.27 5.80 -8.40
CA CYS A 46 8.67 6.63 -9.47
C CYS A 46 9.33 8.02 -9.52
N ARG A 1 13.01 8.33 -5.25
CA ARG A 1 11.60 8.76 -5.08
C ARG A 1 10.66 7.56 -5.15
N THR A 2 9.41 7.76 -4.83
CA THR A 2 8.45 6.64 -4.90
C THR A 2 7.06 7.14 -5.22
N CYS A 3 6.24 6.27 -5.72
CA CYS A 3 4.83 6.64 -6.02
C CYS A 3 3.92 5.61 -5.39
N MET A 4 2.86 6.06 -4.81
CA MET A 4 1.91 5.12 -4.14
C MET A 4 0.60 5.02 -4.89
N ILE A 5 0.05 3.84 -4.92
CA ILE A 5 -1.23 3.60 -5.62
C ILE A 5 -2.26 3.08 -4.63
N LYS A 6 -3.44 2.82 -5.08
CA LYS A 6 -4.51 2.31 -4.16
C LYS A 6 -4.70 0.81 -4.37
N LYS A 7 -4.33 0.01 -3.40
CA LYS A 7 -4.51 -1.46 -3.55
C LYS A 7 -5.75 -1.90 -2.77
N GLU A 8 -6.86 -1.28 -3.07
CA GLU A 8 -8.12 -1.64 -2.38
C GLU A 8 -8.51 -3.08 -2.70
N GLY A 9 -8.05 -3.60 -3.82
CA GLY A 9 -8.38 -5.00 -4.19
C GLY A 9 -7.74 -5.97 -3.20
N TRP A 10 -6.90 -5.47 -2.33
CA TRP A 10 -6.25 -6.36 -1.34
C TRP A 10 -7.04 -6.36 -0.02
N GLY A 11 -7.85 -5.38 0.20
CA GLY A 11 -8.64 -5.33 1.47
C GLY A 11 -8.07 -4.25 2.38
N LYS A 12 -8.93 -3.53 3.05
CA LYS A 12 -8.46 -2.45 3.96
C LYS A 12 -7.20 -2.90 4.71
N CYS A 13 -6.45 -1.99 5.24
CA CYS A 13 -5.21 -2.36 5.98
C CYS A 13 -5.43 -2.27 7.49
N LEU A 14 -4.70 -3.04 8.24
CA LEU A 14 -4.86 -3.02 9.72
C LEU A 14 -3.68 -2.29 10.36
N ILE A 15 -2.53 -2.37 9.74
CA ILE A 15 -1.33 -1.70 10.31
C ILE A 15 -0.83 -0.62 9.34
N ASP A 16 0.46 -0.39 9.32
CA ASP A 16 1.02 0.63 8.39
C ASP A 16 1.92 -0.05 7.36
N THR A 17 2.45 -1.18 7.70
CA THR A 17 3.33 -1.92 6.74
C THR A 17 2.55 -3.07 6.12
N THR A 18 1.60 -3.63 6.83
CA THR A 18 0.80 -4.75 6.26
C THR A 18 0.51 -4.47 4.78
N CYS A 19 -0.04 -3.33 4.49
CA CYS A 19 -0.33 -2.98 3.06
C CYS A 19 0.99 -2.98 2.29
N ALA A 20 2.00 -2.35 2.84
CA ALA A 20 3.32 -2.29 2.16
C ALA A 20 3.79 -3.70 1.79
N HIS A 21 3.57 -4.66 2.66
CA HIS A 21 4.00 -6.05 2.35
C HIS A 21 3.49 -6.46 0.97
N SER A 22 2.20 -6.44 0.80
CA SER A 22 1.61 -6.82 -0.52
C SER A 22 2.16 -5.91 -1.61
N CYS A 23 2.36 -4.66 -1.31
CA CYS A 23 2.90 -3.71 -2.33
C CYS A 23 4.28 -4.16 -2.79
N LYS A 24 5.22 -4.23 -1.89
CA LYS A 24 6.59 -4.67 -2.28
C LYS A 24 6.52 -5.99 -3.03
N ASN A 25 6.00 -7.00 -2.39
CA ASN A 25 5.88 -8.34 -3.04
C ASN A 25 5.39 -8.19 -4.48
N ARG A 26 4.59 -7.20 -4.74
CA ARG A 26 4.09 -7.01 -6.13
C ARG A 26 5.17 -6.35 -6.96
N GLY A 27 6.00 -5.57 -6.32
CA GLY A 27 7.10 -4.89 -7.05
C GLY A 27 7.10 -3.42 -6.64
N TYR A 28 6.88 -3.15 -5.38
CA TYR A 28 6.87 -1.73 -4.92
C TYR A 28 7.85 -1.53 -3.76
N ILE A 29 8.08 -0.31 -3.39
CA ILE A 29 9.01 -0.05 -2.25
C ILE A 29 8.26 -0.29 -0.96
N GLY A 30 6.98 -0.08 -1.00
CA GLY A 30 6.16 -0.29 0.22
C GLY A 30 4.70 0.08 -0.06
N GLY A 31 3.95 0.37 0.96
CA GLY A 31 2.52 0.74 0.76
C GLY A 31 2.00 1.47 1.99
N ASN A 32 0.81 2.00 1.93
CA ASN A 32 0.27 2.72 3.10
C ASN A 32 -1.08 2.14 3.53
N CYS A 33 -1.49 2.44 4.74
CA CYS A 33 -2.78 1.93 5.25
C CYS A 33 -3.65 3.10 5.67
N LYS A 34 -4.54 3.54 4.82
CA LYS A 34 -5.41 4.70 5.17
C LYS A 34 -6.56 4.26 6.08
N GLY A 35 -6.78 4.94 7.16
CA GLY A 35 -7.88 4.56 8.08
C GLY A 35 -9.18 5.22 7.61
N MET A 36 -9.11 6.45 7.18
CA MET A 36 -10.33 7.14 6.70
C MET A 36 -10.89 6.41 5.48
N THR A 37 -10.03 5.86 4.67
CA THR A 37 -10.51 5.13 3.46
C THR A 37 -10.25 3.63 3.62
N ARG A 38 -9.66 3.23 4.72
CA ARG A 38 -9.38 1.78 4.92
C ARG A 38 -8.91 1.14 3.63
N THR A 39 -7.87 1.68 3.03
CA THR A 39 -7.38 1.10 1.75
C THR A 39 -5.85 0.94 1.79
N CYS A 40 -5.33 0.01 1.05
CA CYS A 40 -3.86 -0.22 1.04
C CYS A 40 -3.22 0.47 -0.16
N TYR A 41 -2.21 1.27 0.06
CA TYR A 41 -1.52 1.93 -1.09
C TYR A 41 -0.16 1.27 -1.28
N CYS A 42 0.51 1.54 -2.35
CA CYS A 42 1.84 0.91 -2.55
C CYS A 42 2.83 1.90 -3.18
N LEU A 43 3.91 2.18 -2.49
CA LEU A 43 4.91 3.13 -3.04
C LEU A 43 5.88 2.40 -3.96
N VAL A 44 6.18 2.98 -5.07
CA VAL A 44 7.12 2.35 -6.04
C VAL A 44 8.23 3.32 -6.38
N ASN A 45 9.28 2.85 -6.98
CA ASN A 45 10.36 3.76 -7.36
C ASN A 45 9.88 4.52 -8.58
N CYS A 46 9.26 5.63 -8.33
CA CYS A 46 8.68 6.42 -9.44
C CYS A 46 9.31 7.81 -9.51
N ARG A 1 12.43 9.21 -5.05
CA ARG A 1 10.98 9.50 -5.22
C ARG A 1 10.17 8.20 -5.25
N THR A 2 8.88 8.31 -5.18
CA THR A 2 8.04 7.09 -5.23
C THR A 2 6.63 7.41 -5.66
N CYS A 3 5.93 6.43 -6.13
CA CYS A 3 4.51 6.63 -6.52
C CYS A 3 3.67 5.56 -5.84
N MET A 4 2.53 5.93 -5.37
CA MET A 4 1.65 4.95 -4.68
C MET A 4 0.41 4.62 -5.49
N ILE A 5 -0.04 3.41 -5.38
CA ILE A 5 -1.25 2.97 -6.12
C ILE A 5 -2.29 2.47 -5.13
N LYS A 6 -3.42 2.06 -5.62
CA LYS A 6 -4.50 1.56 -4.71
C LYS A 6 -4.52 0.03 -4.69
N LYS A 7 -4.11 -0.57 -3.61
CA LYS A 7 -4.13 -2.06 -3.55
C LYS A 7 -5.42 -2.52 -2.89
N GLU A 8 -6.52 -2.10 -3.43
CA GLU A 8 -7.84 -2.49 -2.87
C GLU A 8 -8.10 -3.98 -3.11
N GLY A 9 -7.40 -4.57 -4.04
CA GLY A 9 -7.62 -6.03 -4.32
C GLY A 9 -6.93 -6.86 -3.26
N TRP A 10 -6.28 -6.24 -2.31
CA TRP A 10 -5.58 -7.01 -1.25
C TRP A 10 -6.42 -7.03 0.03
N GLY A 11 -7.39 -6.16 0.12
CA GLY A 11 -8.25 -6.12 1.34
C GLY A 11 -7.90 -4.87 2.15
N LYS A 12 -8.89 -4.25 2.73
CA LYS A 12 -8.64 -3.03 3.54
C LYS A 12 -7.38 -3.20 4.39
N CYS A 13 -6.85 -2.14 4.93
CA CYS A 13 -5.63 -2.26 5.76
C CYS A 13 -5.95 -2.04 7.23
N LEU A 14 -5.16 -2.61 8.10
CA LEU A 14 -5.40 -2.45 9.56
C LEU A 14 -4.33 -1.54 10.17
N ILE A 15 -3.15 -1.56 9.61
CA ILE A 15 -2.05 -0.70 10.14
C ILE A 15 -1.57 0.28 9.08
N ASP A 16 -0.31 0.62 9.10
CA ASP A 16 0.23 1.55 8.08
C ASP A 16 1.27 0.83 7.23
N THR A 17 1.89 -0.19 7.77
CA THR A 17 2.90 -0.96 6.99
C THR A 17 2.26 -2.21 6.42
N THR A 18 1.27 -2.75 7.09
CA THR A 18 0.60 -3.98 6.57
C THR A 18 0.42 -3.85 5.06
N CYS A 19 -0.20 -2.80 4.61
CA CYS A 19 -0.38 -2.62 3.14
C CYS A 19 1.00 -2.56 2.47
N ALA A 20 1.87 -1.74 2.99
CA ALA A 20 3.24 -1.60 2.42
C ALA A 20 3.88 -2.98 2.22
N HIS A 21 3.72 -3.87 3.17
CA HIS A 21 4.32 -5.22 3.03
C HIS A 21 3.94 -5.82 1.67
N SER A 22 2.66 -5.98 1.44
CA SER A 22 2.21 -6.55 0.13
C SER A 22 2.76 -5.71 -1.01
N CYS A 23 2.81 -4.42 -0.83
CA CYS A 23 3.33 -3.54 -1.91
C CYS A 23 4.77 -3.90 -2.27
N LYS A 24 5.66 -3.79 -1.33
CA LYS A 24 7.08 -4.13 -1.61
C LYS A 24 7.16 -5.51 -2.26
N ASN A 25 6.69 -6.52 -1.58
CA ASN A 25 6.72 -7.90 -2.12
C ASN A 25 6.17 -7.91 -3.56
N ARG A 26 5.28 -7.00 -3.86
CA ARG A 26 4.71 -6.95 -5.23
C ARG A 26 5.72 -6.25 -6.14
N GLY A 27 6.61 -5.49 -5.56
CA GLY A 27 7.62 -4.77 -6.37
C GLY A 27 7.49 -3.27 -6.11
N TYR A 28 7.27 -2.90 -4.88
CA TYR A 28 7.12 -1.44 -4.57
C TYR A 28 8.05 -1.05 -3.42
N ILE A 29 8.19 0.23 -3.19
CA ILE A 29 9.05 0.67 -2.07
C ILE A 29 8.30 0.49 -0.77
N GLY A 30 7.01 0.58 -0.86
CA GLY A 30 6.17 0.41 0.36
C GLY A 30 4.69 0.61 -0.01
N GLY A 31 3.88 0.95 0.95
CA GLY A 31 2.43 1.16 0.66
C GLY A 31 1.80 1.99 1.77
N ASN A 32 0.50 2.03 1.84
CA ASN A 32 -0.16 2.83 2.90
C ASN A 32 -1.53 2.25 3.25
N CYS A 33 -2.15 2.82 4.23
CA CYS A 33 -3.49 2.36 4.66
C CYS A 33 -4.38 3.57 4.94
N LYS A 34 -5.43 3.74 4.19
CA LYS A 34 -6.31 4.93 4.42
C LYS A 34 -7.24 4.69 5.61
N GLY A 35 -8.05 5.65 5.94
CA GLY A 35 -8.98 5.48 7.10
C GLY A 35 -10.43 5.54 6.61
N MET A 36 -10.77 6.56 5.87
CA MET A 36 -12.17 6.68 5.36
C MET A 36 -12.56 5.40 4.62
N THR A 37 -11.61 4.79 3.95
CA THR A 37 -11.93 3.54 3.21
C THR A 37 -10.99 2.41 3.65
N ARG A 38 -10.12 2.68 4.58
CA ARG A 38 -9.19 1.63 5.06
C ARG A 38 -8.68 0.79 3.88
N THR A 39 -8.11 1.42 2.89
CA THR A 39 -7.59 0.67 1.71
C THR A 39 -6.08 0.50 1.82
N CYS A 40 -5.47 -0.08 0.81
CA CYS A 40 -4.01 -0.29 0.85
C CYS A 40 -3.34 0.34 -0.37
N TYR A 41 -2.36 1.18 -0.17
CA TYR A 41 -1.66 1.80 -1.32
C TYR A 41 -0.24 1.23 -1.41
N CYS A 42 0.45 1.46 -2.50
CA CYS A 42 1.83 0.92 -2.61
C CYS A 42 2.75 1.92 -3.32
N LEU A 43 3.78 2.36 -2.65
CA LEU A 43 4.71 3.35 -3.28
C LEU A 43 5.78 2.62 -4.08
N VAL A 44 6.11 3.17 -5.22
CA VAL A 44 7.15 2.56 -6.09
C VAL A 44 8.20 3.59 -6.44
N ASN A 45 9.31 3.17 -6.97
CA ASN A 45 10.34 4.15 -7.35
C ASN A 45 9.86 4.79 -8.64
N CYS A 46 9.15 5.86 -8.49
CA CYS A 46 8.56 6.54 -9.67
C CYS A 46 9.09 7.97 -9.78
N ARG A 1 12.49 8.66 -5.97
CA ARG A 1 11.04 8.92 -6.18
C ARG A 1 10.23 7.64 -6.02
N THR A 2 8.94 7.76 -5.94
CA THR A 2 8.10 6.55 -5.80
C THR A 2 6.66 6.83 -6.20
N CYS A 3 5.95 5.81 -6.53
CA CYS A 3 4.52 5.98 -6.88
C CYS A 3 3.68 4.99 -6.08
N MET A 4 2.57 5.43 -5.58
CA MET A 4 1.72 4.54 -4.76
C MET A 4 0.43 4.19 -5.50
N ILE A 5 0.00 2.97 -5.34
CA ILE A 5 -1.24 2.52 -6.01
C ILE A 5 -2.23 2.07 -4.96
N LYS A 6 -3.38 1.64 -5.37
CA LYS A 6 -4.41 1.18 -4.40
C LYS A 6 -4.47 -0.35 -4.36
N LYS A 7 -3.95 -0.97 -3.34
CA LYS A 7 -3.99 -2.44 -3.28
C LYS A 7 -5.24 -2.89 -2.53
N GLU A 8 -6.37 -2.45 -3.00
CA GLU A 8 -7.65 -2.82 -2.36
C GLU A 8 -7.89 -4.33 -2.49
N GLY A 9 -7.32 -4.95 -3.48
CA GLY A 9 -7.51 -6.41 -3.65
C GLY A 9 -6.84 -7.16 -2.51
N TRP A 10 -6.11 -6.47 -1.68
CA TRP A 10 -5.43 -7.15 -0.54
C TRP A 10 -6.29 -7.05 0.72
N GLY A 11 -7.25 -6.16 0.74
CA GLY A 11 -8.11 -6.02 1.94
C GLY A 11 -7.82 -4.68 2.62
N LYS A 12 -8.84 -4.03 3.10
CA LYS A 12 -8.63 -2.71 3.77
C LYS A 12 -7.45 -2.81 4.74
N CYS A 13 -6.84 -1.71 5.07
CA CYS A 13 -5.68 -1.76 5.99
C CYS A 13 -6.06 -1.25 7.38
N LEU A 14 -5.38 -1.73 8.38
CA LEU A 14 -5.67 -1.29 9.77
C LEU A 14 -4.50 -0.47 10.32
N ILE A 15 -3.32 -0.77 9.87
CA ILE A 15 -2.11 -0.01 10.35
C ILE A 15 -1.60 0.92 9.26
N ASP A 16 -0.31 1.16 9.24
CA ASP A 16 0.28 2.05 8.20
C ASP A 16 1.34 1.29 7.40
N THR A 17 1.91 0.29 7.98
CA THR A 17 2.95 -0.51 7.27
C THR A 17 2.35 -1.84 6.80
N THR A 18 1.39 -2.35 7.52
CA THR A 18 0.75 -3.62 7.11
C THR A 18 0.58 -3.63 5.59
N CYS A 19 0.05 -2.56 5.05
CA CYS A 19 -0.13 -2.48 3.58
C CYS A 19 1.25 -2.45 2.91
N ALA A 20 2.09 -1.57 3.37
CA ALA A 20 3.46 -1.45 2.79
C ALA A 20 4.11 -2.83 2.67
N HIS A 21 3.93 -3.68 3.64
CA HIS A 21 4.54 -5.04 3.58
C HIS A 21 4.13 -5.72 2.27
N SER A 22 2.85 -5.93 2.09
CA SER A 22 2.39 -6.58 0.83
C SER A 22 2.94 -5.83 -0.38
N CYS A 23 2.98 -4.53 -0.31
CA CYS A 23 3.51 -3.73 -1.45
C CYS A 23 4.95 -4.16 -1.78
N LYS A 24 5.85 -4.00 -0.86
CA LYS A 24 7.25 -4.38 -1.13
C LYS A 24 7.28 -5.79 -1.70
N ASN A 25 6.80 -6.74 -0.94
CA ASN A 25 6.78 -8.16 -1.41
C ASN A 25 6.26 -8.23 -2.85
N ARG A 26 5.38 -7.34 -3.22
CA ARG A 26 4.84 -7.37 -4.60
C ARG A 26 5.87 -6.73 -5.53
N GLY A 27 6.75 -5.95 -4.98
CA GLY A 27 7.78 -5.29 -5.82
C GLY A 27 7.65 -3.78 -5.67
N TYR A 28 7.40 -3.32 -4.47
CA TYR A 28 7.24 -1.84 -4.27
C TYR A 28 8.17 -1.35 -3.18
N ILE A 29 8.32 -0.05 -3.06
CA ILE A 29 9.19 0.50 -1.99
C ILE A 29 8.45 0.44 -0.66
N GLY A 30 7.15 0.51 -0.75
CA GLY A 30 6.33 0.47 0.49
C GLY A 30 4.85 0.62 0.13
N GLY A 31 4.05 1.02 1.07
CA GLY A 31 2.59 1.19 0.79
C GLY A 31 1.96 2.09 1.85
N ASN A 32 0.66 2.06 1.96
CA ASN A 32 -0.01 2.92 2.99
C ASN A 32 -1.40 2.38 3.32
N CYS A 33 -2.03 3.00 4.27
CA CYS A 33 -3.40 2.59 4.67
C CYS A 33 -4.29 3.83 4.78
N LYS A 34 -5.30 3.92 3.97
CA LYS A 34 -6.18 5.13 4.03
C LYS A 34 -7.17 5.03 5.18
N GLY A 35 -7.85 6.10 5.48
CA GLY A 35 -8.84 6.08 6.60
C GLY A 35 -10.25 6.20 6.03
N MET A 36 -10.48 7.16 5.17
CA MET A 36 -11.83 7.31 4.57
C MET A 36 -12.18 6.07 3.75
N THR A 37 -11.20 5.37 3.28
CA THR A 37 -11.47 4.15 2.47
C THR A 37 -10.77 2.93 3.10
N ARG A 38 -9.97 3.16 4.11
CA ARG A 38 -9.26 2.02 4.76
C ARG A 38 -8.73 1.06 3.69
N THR A 39 -7.95 1.56 2.77
CA THR A 39 -7.41 0.68 1.69
C THR A 39 -5.89 0.58 1.81
N CYS A 40 -5.28 -0.28 1.03
CA CYS A 40 -3.81 -0.44 1.09
C CYS A 40 -3.14 0.12 -0.16
N TYR A 41 -2.21 1.02 -0.01
CA TYR A 41 -1.51 1.59 -1.19
C TYR A 41 -0.10 1.01 -1.26
N CYS A 42 0.60 1.24 -2.33
CA CYS A 42 1.99 0.70 -2.42
C CYS A 42 2.89 1.63 -3.23
N LEU A 43 3.92 2.15 -2.61
CA LEU A 43 4.84 3.06 -3.35
C LEU A 43 5.88 2.27 -4.11
N VAL A 44 6.17 2.68 -5.31
CA VAL A 44 7.18 1.97 -6.15
C VAL A 44 8.21 2.97 -6.64
N ASN A 45 9.30 2.48 -7.16
CA ASN A 45 10.30 3.41 -7.70
C ASN A 45 9.79 3.91 -9.03
N CYS A 46 9.06 4.97 -8.97
CA CYS A 46 8.43 5.52 -10.19
C CYS A 46 8.93 6.94 -10.48
N ARG A 1 13.75 7.42 -4.62
CA ARG A 1 12.35 7.94 -4.69
C ARG A 1 11.35 6.78 -4.71
N THR A 2 10.10 7.08 -4.54
CA THR A 2 9.08 5.99 -4.57
C THR A 2 7.74 6.52 -5.05
N CYS A 3 6.93 5.63 -5.54
CA CYS A 3 5.56 6.04 -5.97
C CYS A 3 4.55 5.10 -5.33
N MET A 4 3.46 5.63 -4.89
CA MET A 4 2.43 4.78 -4.23
C MET A 4 1.17 4.69 -5.07
N ILE A 5 0.55 3.54 -5.04
CA ILE A 5 -0.70 3.33 -5.81
C ILE A 5 -1.81 2.90 -4.85
N LYS A 6 -2.97 2.68 -5.36
CA LYS A 6 -4.11 2.25 -4.48
C LYS A 6 -4.28 0.73 -4.54
N LYS A 7 -4.00 0.04 -3.47
CA LYS A 7 -4.17 -1.43 -3.49
C LYS A 7 -5.54 -1.80 -2.95
N GLU A 8 -6.55 -1.23 -3.54
CA GLU A 8 -7.93 -1.53 -3.10
C GLU A 8 -8.32 -2.96 -3.49
N GLY A 9 -7.72 -3.48 -4.52
CA GLY A 9 -8.05 -4.88 -4.95
C GLY A 9 -7.62 -5.86 -3.87
N TRP A 10 -6.90 -5.39 -2.88
CA TRP A 10 -6.44 -6.30 -1.80
C TRP A 10 -7.41 -6.24 -0.61
N GLY A 11 -8.23 -5.23 -0.56
CA GLY A 11 -9.21 -5.11 0.57
C GLY A 11 -8.80 -3.93 1.45
N LYS A 12 -9.77 -3.21 1.95
CA LYS A 12 -9.46 -2.04 2.82
C LYS A 12 -8.22 -2.33 3.67
N CYS A 13 -7.50 -1.31 4.05
CA CYS A 13 -6.28 -1.53 4.86
C CYS A 13 -6.58 -1.34 6.35
N LEU A 14 -5.85 -2.00 7.20
CA LEU A 14 -6.09 -1.88 8.66
C LEU A 14 -4.88 -1.22 9.36
N ILE A 15 -3.71 -1.44 8.85
CA ILE A 15 -2.50 -0.83 9.49
C ILE A 15 -1.65 -0.07 8.47
N ASP A 16 -0.70 0.69 8.93
CA ASP A 16 0.18 1.45 8.00
C ASP A 16 1.19 0.52 7.32
N THR A 17 1.44 -0.62 7.90
CA THR A 17 2.41 -1.57 7.27
C THR A 17 1.65 -2.74 6.66
N THR A 18 0.64 -3.22 7.34
CA THR A 18 -0.14 -4.37 6.77
C THR A 18 -0.33 -4.13 5.28
N CYS A 19 -0.58 -2.90 4.90
CA CYS A 19 -0.74 -2.59 3.46
C CYS A 19 0.62 -2.70 2.77
N ALA A 20 1.62 -2.07 3.35
CA ALA A 20 2.98 -2.12 2.78
C ALA A 20 3.43 -3.57 2.58
N HIS A 21 3.05 -4.45 3.46
CA HIS A 21 3.44 -5.88 3.31
C HIS A 21 3.03 -6.38 1.92
N SER A 22 1.77 -6.35 1.63
CA SER A 22 1.30 -6.81 0.30
C SER A 22 2.02 -6.01 -0.79
N CYS A 23 2.18 -4.72 -0.59
CA CYS A 23 2.87 -3.89 -1.61
C CYS A 23 4.27 -4.44 -1.88
N LYS A 24 5.10 -4.47 -0.89
CA LYS A 24 6.48 -4.99 -1.09
C LYS A 24 6.42 -6.35 -1.78
N ASN A 25 5.79 -7.30 -1.15
CA ASN A 25 5.67 -8.66 -1.74
C ASN A 25 5.23 -8.57 -3.20
N ARG A 26 4.48 -7.56 -3.55
CA ARG A 26 4.04 -7.42 -4.95
C ARG A 26 5.18 -6.85 -5.77
N GLY A 27 6.10 -6.19 -5.12
CA GLY A 27 7.26 -5.60 -5.84
C GLY A 27 7.30 -4.10 -5.55
N TYR A 28 6.99 -3.72 -4.34
CA TYR A 28 7.00 -2.27 -4.00
C TYR A 28 7.94 -2.01 -2.81
N ILE A 29 8.20 -0.77 -2.53
CA ILE A 29 9.09 -0.47 -1.37
C ILE A 29 8.26 -0.55 -0.11
N GLY A 30 6.99 -0.28 -0.25
CA GLY A 30 6.09 -0.34 0.94
C GLY A 30 4.66 0.03 0.53
N GLY A 31 3.85 0.44 1.47
CA GLY A 31 2.45 0.81 1.15
C GLY A 31 1.89 1.68 2.28
N ASN A 32 0.72 2.23 2.11
CA ASN A 32 0.15 3.09 3.18
C ASN A 32 -1.29 2.68 3.51
N CYS A 33 -1.76 3.12 4.65
CA CYS A 33 -3.15 2.80 5.08
C CYS A 33 -3.99 4.09 5.09
N LYS A 34 -4.74 4.33 4.06
CA LYS A 34 -5.56 5.58 4.02
C LYS A 34 -6.84 5.40 4.84
N GLY A 35 -6.99 6.19 5.88
CA GLY A 35 -8.21 6.07 6.72
C GLY A 35 -9.39 6.71 6.00
N MET A 36 -9.19 7.88 5.43
CA MET A 36 -10.31 8.56 4.71
C MET A 36 -11.11 7.53 3.90
N THR A 37 -10.43 6.64 3.23
CA THR A 37 -11.14 5.60 2.42
C THR A 37 -10.70 4.21 2.86
N ARG A 38 -9.96 4.12 3.93
CA ARG A 38 -9.49 2.78 4.41
C ARG A 38 -8.97 1.96 3.23
N THR A 39 -8.06 2.52 2.47
CA THR A 39 -7.50 1.77 1.31
C THR A 39 -5.99 1.58 1.47
N CYS A 40 -5.47 0.53 0.92
CA CYS A 40 -4.00 0.26 1.04
C CYS A 40 -3.24 0.82 -0.17
N TYR A 41 -2.17 1.52 0.07
CA TYR A 41 -1.37 2.06 -1.06
C TYR A 41 -0.03 1.32 -1.12
N CYS A 42 0.71 1.48 -2.16
CA CYS A 42 2.02 0.76 -2.23
C CYS A 42 3.08 1.64 -2.88
N LEU A 43 4.11 1.95 -2.14
CA LEU A 43 5.20 2.79 -2.71
C LEU A 43 6.20 1.94 -3.48
N VAL A 44 6.62 2.42 -4.61
CA VAL A 44 7.59 1.66 -5.45
C VAL A 44 8.79 2.53 -5.77
N ASN A 45 9.84 1.96 -6.25
CA ASN A 45 11.01 2.77 -6.60
C ASN A 45 10.68 3.46 -7.92
N CYS A 46 10.10 4.61 -7.80
CA CYS A 46 9.65 5.36 -9.00
C CYS A 46 10.37 6.71 -9.10
N ARG A 1 12.78 9.03 -3.62
CA ARG A 1 11.37 9.46 -3.85
C ARG A 1 10.47 8.25 -4.05
N THR A 2 9.18 8.45 -4.02
CA THR A 2 8.25 7.32 -4.22
C THR A 2 6.83 7.82 -4.43
N CYS A 3 6.01 6.99 -5.02
CA CYS A 3 4.59 7.37 -5.22
C CYS A 3 3.72 6.22 -4.74
N MET A 4 2.65 6.55 -4.08
CA MET A 4 1.74 5.49 -3.55
C MET A 4 0.44 5.43 -4.33
N ILE A 5 -0.06 4.24 -4.50
CA ILE A 5 -1.32 4.06 -5.24
C ILE A 5 -2.36 3.42 -4.30
N LYS A 6 -3.53 3.21 -4.78
CA LYS A 6 -4.60 2.59 -3.93
C LYS A 6 -4.74 1.11 -4.25
N LYS A 7 -4.30 0.25 -3.37
CA LYS A 7 -4.44 -1.20 -3.64
C LYS A 7 -5.71 -1.73 -2.98
N GLU A 8 -6.81 -1.12 -3.31
CA GLU A 8 -8.10 -1.55 -2.71
C GLU A 8 -8.50 -2.94 -3.24
N GLY A 9 -7.89 -3.37 -4.30
CA GLY A 9 -8.22 -4.71 -4.87
C GLY A 9 -7.57 -5.79 -4.01
N TRP A 10 -6.80 -5.41 -3.03
CA TRP A 10 -6.13 -6.42 -2.16
C TRP A 10 -6.92 -6.62 -0.87
N GLY A 11 -7.69 -5.64 -0.47
CA GLY A 11 -8.49 -5.77 0.78
C GLY A 11 -8.03 -4.72 1.78
N LYS A 12 -8.95 -4.15 2.51
CA LYS A 12 -8.58 -3.12 3.52
C LYS A 12 -7.29 -3.51 4.23
N CYS A 13 -6.65 -2.58 4.90
CA CYS A 13 -5.40 -2.91 5.62
C CYS A 13 -5.62 -2.99 7.12
N LEU A 14 -4.84 -3.77 7.80
CA LEU A 14 -5.00 -3.89 9.28
C LEU A 14 -3.85 -3.18 10.00
N ILE A 15 -2.70 -3.16 9.38
CA ILE A 15 -1.52 -2.49 10.01
C ILE A 15 -1.00 -1.37 9.10
N ASP A 16 0.29 -1.14 9.11
CA ASP A 16 0.87 -0.09 8.25
C ASP A 16 1.78 -0.73 7.20
N THR A 17 2.32 -1.89 7.52
CA THR A 17 3.22 -2.59 6.56
C THR A 17 2.42 -3.68 5.84
N THR A 18 1.45 -4.24 6.49
CA THR A 18 0.63 -5.31 5.83
C THR A 18 0.36 -4.91 4.38
N CYS A 19 -0.07 -3.69 4.16
CA CYS A 19 -0.32 -3.23 2.77
C CYS A 19 1.01 -3.15 2.01
N ALA A 20 1.98 -2.52 2.61
CA ALA A 20 3.32 -2.39 1.96
C ALA A 20 3.82 -3.76 1.49
N HIS A 21 3.60 -4.79 2.26
CA HIS A 21 4.06 -6.14 1.85
C HIS A 21 3.59 -6.43 0.43
N SER A 22 2.30 -6.44 0.22
CA SER A 22 1.76 -6.71 -1.14
C SER A 22 2.33 -5.69 -2.12
N CYS A 23 2.46 -4.46 -1.71
CA CYS A 23 3.00 -3.42 -2.63
C CYS A 23 4.41 -3.79 -3.06
N LYS A 24 5.31 -3.90 -2.13
CA LYS A 24 6.71 -4.25 -2.48
C LYS A 24 6.70 -5.51 -3.36
N ASN A 25 6.20 -6.59 -2.84
CA ASN A 25 6.15 -7.87 -3.61
C ASN A 25 5.51 -7.64 -4.98
N ARG A 26 4.65 -6.67 -5.09
CA ARG A 26 4.01 -6.40 -6.40
C ARG A 26 5.00 -5.64 -7.29
N GLY A 27 5.94 -4.97 -6.67
CA GLY A 27 6.95 -4.21 -7.45
C GLY A 27 6.96 -2.76 -6.96
N TYR A 28 6.78 -2.56 -5.69
CA TYR A 28 6.77 -1.16 -5.16
C TYR A 28 7.78 -1.01 -4.03
N ILE A 29 8.02 0.19 -3.60
CA ILE A 29 8.99 0.40 -2.48
C ILE A 29 8.30 0.00 -1.19
N GLY A 30 7.01 0.14 -1.18
CA GLY A 30 6.24 -0.22 0.05
C GLY A 30 4.77 0.14 -0.16
N GLY A 31 4.03 0.32 0.90
CA GLY A 31 2.59 0.67 0.75
C GLY A 31 2.07 1.29 2.04
N ASN A 32 0.85 1.77 2.03
CA ASN A 32 0.29 2.37 3.26
C ASN A 32 -1.13 1.88 3.50
N CYS A 33 -1.67 2.24 4.62
CA CYS A 33 -3.06 1.83 4.97
C CYS A 33 -3.86 3.08 5.37
N LYS A 34 -4.85 3.42 4.61
CA LYS A 34 -5.66 4.63 4.94
C LYS A 34 -6.65 4.33 6.08
N GLY A 35 -6.66 5.13 7.10
CA GLY A 35 -7.61 4.88 8.23
C GLY A 35 -9.00 5.40 7.85
N MET A 36 -9.05 6.46 7.08
CA MET A 36 -10.38 7.02 6.68
C MET A 36 -11.09 6.05 5.73
N THR A 37 -10.36 5.25 5.02
CA THR A 37 -11.01 4.28 4.08
C THR A 37 -10.40 2.88 4.25
N ARG A 38 -9.57 2.70 5.25
CA ARG A 38 -8.96 1.37 5.47
C ARG A 38 -8.56 0.73 4.14
N THR A 39 -7.78 1.40 3.35
CA THR A 39 -7.36 0.82 2.04
C THR A 39 -5.85 0.62 2.01
N CYS A 40 -5.37 -0.19 1.10
CA CYS A 40 -3.90 -0.45 1.02
C CYS A 40 -3.26 0.38 -0.09
N TYR A 41 -2.25 1.15 0.25
CA TYR A 41 -1.56 1.95 -0.80
C TYR A 41 -0.19 1.35 -1.08
N CYS A 42 0.46 1.74 -2.15
CA CYS A 42 1.79 1.16 -2.44
C CYS A 42 2.75 2.22 -2.99
N LEU A 43 3.83 2.46 -2.29
CA LEU A 43 4.80 3.49 -2.78
C LEU A 43 5.75 2.89 -3.81
N VAL A 44 6.01 3.63 -4.84
CA VAL A 44 6.92 3.15 -5.92
C VAL A 44 8.02 4.17 -6.15
N ASN A 45 9.05 3.81 -6.84
CA ASN A 45 10.11 4.79 -7.11
C ASN A 45 9.60 5.71 -8.19
N CYS A 46 8.96 6.76 -7.77
CA CYS A 46 8.35 7.71 -8.72
C CYS A 46 8.99 9.09 -8.60
N ARG A 1 13.12 7.95 -5.55
CA ARG A 1 11.71 8.41 -5.58
C ARG A 1 10.76 7.22 -5.53
N THR A 2 9.50 7.46 -5.31
CA THR A 2 8.52 6.35 -5.28
C THR A 2 7.12 6.83 -5.61
N CYS A 3 6.29 5.93 -6.03
CA CYS A 3 4.89 6.31 -6.33
C CYS A 3 3.95 5.34 -5.63
N MET A 4 2.92 5.84 -5.07
CA MET A 4 1.95 4.96 -4.34
C MET A 4 0.64 4.82 -5.11
N ILE A 5 0.07 3.65 -5.06
CA ILE A 5 -1.19 3.39 -5.78
C ILE A 5 -2.25 2.93 -4.78
N LYS A 6 -3.43 2.71 -5.25
CA LYS A 6 -4.53 2.25 -4.34
C LYS A 6 -4.68 0.74 -4.41
N LYS A 7 -4.31 0.04 -3.37
CA LYS A 7 -4.46 -1.44 -3.38
C LYS A 7 -5.74 -1.84 -2.67
N GLU A 8 -6.82 -1.30 -3.13
CA GLU A 8 -8.15 -1.61 -2.52
C GLU A 8 -8.54 -3.07 -2.81
N GLY A 9 -7.94 -3.66 -3.82
CA GLY A 9 -8.28 -5.07 -4.15
C GLY A 9 -7.63 -6.01 -3.13
N TRP A 10 -6.93 -5.48 -2.18
CA TRP A 10 -6.26 -6.34 -1.17
C TRP A 10 -7.05 -6.33 0.14
N GLY A 11 -7.91 -5.38 0.32
CA GLY A 11 -8.71 -5.31 1.58
C GLY A 11 -8.26 -4.10 2.40
N LYS A 12 -9.18 -3.43 3.02
CA LYS A 12 -8.81 -2.23 3.83
C LYS A 12 -7.57 -2.53 4.68
N CYS A 13 -6.92 -1.52 5.17
CA CYS A 13 -5.71 -1.73 6.01
C CYS A 13 -6.00 -1.41 7.47
N LEU A 14 -5.36 -2.10 8.38
CA LEU A 14 -5.60 -1.83 9.83
C LEU A 14 -4.41 -1.08 10.44
N ILE A 15 -3.23 -1.35 9.95
CA ILE A 15 -2.02 -0.65 10.49
C ILE A 15 -1.48 0.35 9.47
N ASP A 16 -0.19 0.53 9.45
CA ASP A 16 0.43 1.48 8.48
C ASP A 16 1.36 0.71 7.53
N THR A 17 1.85 -0.41 7.97
CA THR A 17 2.75 -1.23 7.11
C THR A 17 1.98 -2.42 6.55
N THR A 18 0.93 -2.82 7.22
CA THR A 18 0.13 -3.97 6.73
C THR A 18 -0.01 -3.88 5.21
N CYS A 19 -0.45 -2.76 4.72
CA CYS A 19 -0.59 -2.60 3.25
C CYS A 19 0.79 -2.68 2.61
N ALA A 20 1.72 -1.93 3.12
CA ALA A 20 3.11 -1.93 2.56
C ALA A 20 3.60 -3.37 2.35
N HIS A 21 3.30 -4.25 3.26
CA HIS A 21 3.76 -5.67 3.11
C HIS A 21 3.32 -6.20 1.74
N SER A 22 2.04 -6.23 1.50
CA SER A 22 1.54 -6.73 0.19
C SER A 22 2.15 -5.91 -0.95
N CYS A 23 2.34 -4.64 -0.76
CA CYS A 23 2.93 -3.79 -1.83
C CYS A 23 4.32 -4.30 -2.19
N LYS A 24 5.22 -4.28 -1.25
CA LYS A 24 6.60 -4.75 -1.52
C LYS A 24 6.54 -6.13 -2.18
N ASN A 25 5.99 -7.09 -1.48
CA ASN A 25 5.88 -8.47 -2.03
C ASN A 25 5.36 -8.44 -3.46
N ARG A 26 4.56 -7.47 -3.79
CA ARG A 26 4.03 -7.39 -5.18
C ARG A 26 5.11 -6.79 -6.07
N GLY A 27 6.01 -6.05 -5.48
CA GLY A 27 7.10 -5.43 -6.27
C GLY A 27 7.09 -3.93 -6.02
N TYR A 28 6.82 -3.52 -4.81
CA TYR A 28 6.79 -2.06 -4.52
C TYR A 28 7.77 -1.71 -3.41
N ILE A 29 8.02 -0.45 -3.19
CA ILE A 29 8.96 -0.06 -2.12
C ILE A 29 8.24 -0.15 -0.78
N GLY A 30 6.96 0.04 -0.83
CA GLY A 30 6.14 -0.03 0.42
C GLY A 30 4.68 0.27 0.10
N GLY A 31 3.92 0.64 1.09
CA GLY A 31 2.48 0.94 0.83
C GLY A 31 1.91 1.79 1.98
N ASN A 32 0.63 2.01 1.98
CA ASN A 32 0.02 2.83 3.06
C ASN A 32 -1.43 2.43 3.29
N CYS A 33 -2.07 3.05 4.22
CA CYS A 33 -3.49 2.74 4.53
C CYS A 33 -4.33 4.02 4.50
N LYS A 34 -4.84 4.39 3.36
CA LYS A 34 -5.65 5.64 3.27
C LYS A 34 -6.63 5.55 2.09
N GLY A 35 -6.72 6.59 1.30
CA GLY A 35 -7.65 6.58 0.14
C GLY A 35 -9.04 7.01 0.61
N MET A 36 -9.81 6.10 1.14
CA MET A 36 -11.17 6.46 1.63
C MET A 36 -11.13 6.61 3.15
N THR A 37 -10.31 5.84 3.80
CA THR A 37 -10.21 5.92 5.29
C THR A 37 -9.49 4.67 5.80
N ARG A 38 -9.59 3.59 5.08
CA ARG A 38 -8.92 2.33 5.51
C ARG A 38 -8.60 1.48 4.27
N THR A 39 -7.78 1.96 3.40
CA THR A 39 -7.43 1.18 2.18
C THR A 39 -5.97 0.74 2.23
N CYS A 40 -5.40 0.42 1.10
CA CYS A 40 -3.98 -0.03 1.07
C CYS A 40 -3.26 0.58 -0.13
N TYR A 41 -2.30 1.43 0.10
CA TYR A 41 -1.54 2.02 -1.04
C TYR A 41 -0.19 1.34 -1.17
N CYS A 42 0.47 1.47 -2.28
CA CYS A 42 1.80 0.82 -2.42
C CYS A 42 2.78 1.75 -3.14
N LEU A 43 3.86 2.10 -2.49
CA LEU A 43 4.85 2.99 -3.15
C LEU A 43 5.80 2.18 -4.01
N VAL A 44 6.13 2.69 -5.16
CA VAL A 44 7.06 1.98 -6.09
C VAL A 44 8.19 2.89 -6.49
N ASN A 45 9.21 2.35 -7.08
CA ASN A 45 10.32 3.19 -7.54
C ASN A 45 9.85 3.90 -8.79
N CYS A 46 9.25 5.03 -8.61
CA CYS A 46 8.69 5.78 -9.75
C CYS A 46 9.35 7.15 -9.89
N ARG A 1 12.58 9.51 -4.23
CA ARG A 1 11.12 9.82 -4.28
C ARG A 1 10.31 8.54 -4.37
N THR A 2 9.03 8.63 -4.19
CA THR A 2 8.18 7.42 -4.30
C THR A 2 6.75 7.78 -4.70
N CYS A 3 6.05 6.83 -5.22
CA CYS A 3 4.63 7.07 -5.59
C CYS A 3 3.77 5.95 -5.02
N MET A 4 2.65 6.29 -4.49
CA MET A 4 1.76 5.26 -3.89
C MET A 4 0.53 5.01 -4.74
N ILE A 5 0.11 3.79 -4.80
CA ILE A 5 -1.08 3.43 -5.59
C ILE A 5 -2.14 2.84 -4.67
N LYS A 6 -3.26 2.48 -5.20
CA LYS A 6 -4.35 1.89 -4.36
C LYS A 6 -4.39 0.38 -4.53
N LYS A 7 -3.91 -0.37 -3.56
CA LYS A 7 -3.95 -1.85 -3.69
C LYS A 7 -5.24 -2.37 -3.08
N GLU A 8 -6.34 -1.88 -3.56
CA GLU A 8 -7.66 -2.31 -3.04
C GLU A 8 -7.90 -3.79 -3.37
N GLY A 9 -7.28 -4.29 -4.40
CA GLY A 9 -7.47 -5.72 -4.78
C GLY A 9 -6.84 -6.61 -3.71
N TRP A 10 -6.15 -6.03 -2.78
CA TRP A 10 -5.51 -6.86 -1.71
C TRP A 10 -6.40 -6.91 -0.48
N GLY A 11 -7.32 -5.99 -0.34
CA GLY A 11 -8.22 -5.99 0.84
C GLY A 11 -7.86 -4.82 1.76
N LYS A 12 -8.84 -4.20 2.34
CA LYS A 12 -8.58 -3.05 3.25
C LYS A 12 -7.34 -3.35 4.11
N CYS A 13 -6.78 -2.34 4.72
CA CYS A 13 -5.58 -2.57 5.57
C CYS A 13 -5.97 -2.74 7.03
N LEU A 14 -5.18 -3.47 7.77
CA LEU A 14 -5.48 -3.68 9.21
C LEU A 14 -4.44 -2.97 10.07
N ILE A 15 -3.24 -2.88 9.59
CA ILE A 15 -2.16 -2.20 10.37
C ILE A 15 -1.61 -1.01 9.57
N ASP A 16 -0.34 -0.74 9.70
CA ASP A 16 0.26 0.40 8.94
C ASP A 16 1.30 -0.13 7.95
N THR A 17 1.81 -1.31 8.19
CA THR A 17 2.81 -1.89 7.26
C THR A 17 2.18 -3.06 6.50
N THR A 18 1.17 -3.67 7.07
CA THR A 18 0.50 -4.80 6.36
C THR A 18 0.38 -4.48 4.87
N CYS A 19 -0.25 -3.38 4.56
CA CYS A 19 -0.39 -3.00 3.13
C CYS A 19 1.02 -2.86 2.52
N ALA A 20 1.85 -2.07 3.14
CA ALA A 20 3.24 -1.88 2.64
C ALA A 20 3.88 -3.23 2.29
N HIS A 21 3.71 -4.21 3.13
CA HIS A 21 4.32 -5.54 2.84
C HIS A 21 3.93 -6.00 1.44
N SER A 22 2.66 -6.16 1.20
CA SER A 22 2.21 -6.60 -0.15
C SER A 22 2.79 -5.66 -1.21
N CYS A 23 2.88 -4.40 -0.91
CA CYS A 23 3.44 -3.43 -1.89
C CYS A 23 4.89 -3.79 -2.23
N LYS A 24 5.74 -3.80 -1.25
CA LYS A 24 7.16 -4.14 -1.50
C LYS A 24 7.23 -5.43 -2.32
N ASN A 25 6.73 -6.50 -1.76
CA ASN A 25 6.75 -7.82 -2.47
C ASN A 25 6.25 -7.64 -3.90
N ARG A 26 5.37 -6.72 -4.13
CA ARG A 26 4.86 -6.49 -5.51
C ARG A 26 5.92 -5.74 -6.30
N GLY A 27 6.80 -5.07 -5.61
CA GLY A 27 7.86 -4.30 -6.28
C GLY A 27 7.73 -2.83 -5.91
N TYR A 28 7.40 -2.55 -4.68
CA TYR A 28 7.24 -1.14 -4.26
C TYR A 28 8.14 -0.82 -3.06
N ILE A 29 8.28 0.43 -2.73
CA ILE A 29 9.12 0.80 -1.56
C ILE A 29 8.33 0.51 -0.30
N GLY A 30 7.05 0.61 -0.41
CA GLY A 30 6.18 0.36 0.77
C GLY A 30 4.71 0.60 0.39
N GLY A 31 3.88 0.83 1.35
CA GLY A 31 2.44 1.08 1.05
C GLY A 31 1.77 1.77 2.23
N ASN A 32 0.51 2.07 2.11
CA ASN A 32 -0.20 2.74 3.24
C ASN A 32 -1.63 2.25 3.37
N CYS A 33 -2.23 2.53 4.49
CA CYS A 33 -3.63 2.12 4.72
C CYS A 33 -4.53 3.35 4.69
N LYS A 34 -5.37 3.46 3.71
CA LYS A 34 -6.27 4.65 3.63
C LYS A 34 -7.44 4.51 4.60
N GLY A 35 -7.56 5.41 5.53
CA GLY A 35 -8.69 5.32 6.50
C GLY A 35 -9.97 5.83 5.83
N MET A 36 -9.86 6.81 5.00
CA MET A 36 -11.07 7.35 4.30
C MET A 36 -11.72 6.24 3.47
N THR A 37 -10.99 5.22 3.15
CA THR A 37 -11.57 4.10 2.34
C THR A 37 -10.96 2.77 2.76
N ARG A 38 -10.36 2.72 3.92
CA ARG A 38 -9.76 1.45 4.40
C ARG A 38 -9.15 0.67 3.23
N THR A 39 -8.22 1.27 2.53
CA THR A 39 -7.61 0.57 1.36
C THR A 39 -6.09 0.49 1.52
N CYS A 40 -5.46 -0.38 0.78
CA CYS A 40 -3.98 -0.53 0.88
C CYS A 40 -3.27 0.23 -0.24
N TYR A 41 -2.33 1.08 0.10
CA TYR A 41 -1.59 1.82 -0.95
C TYR A 41 -0.17 1.26 -1.06
N CYS A 42 0.55 1.63 -2.08
CA CYS A 42 1.94 1.10 -2.20
C CYS A 42 2.87 2.15 -2.81
N LEU A 43 3.87 2.56 -2.08
CA LEU A 43 4.81 3.57 -2.61
C LEU A 43 5.89 2.92 -3.47
N VAL A 44 6.22 3.53 -4.57
CA VAL A 44 7.25 2.98 -5.47
C VAL A 44 8.31 4.03 -5.75
N ASN A 45 9.41 3.64 -6.31
CA ASN A 45 10.44 4.64 -6.63
C ASN A 45 9.97 5.37 -7.87
N CYS A 46 9.25 6.43 -7.65
CA CYS A 46 8.67 7.19 -8.77
C CYS A 46 9.20 8.62 -8.79
N ARG A 1 13.10 8.55 -4.39
CA ARG A 1 11.66 8.94 -4.31
C ARG A 1 10.76 7.72 -4.45
N THR A 2 9.50 7.89 -4.19
CA THR A 2 8.58 6.74 -4.32
C THR A 2 7.19 7.21 -4.76
N CYS A 3 6.43 6.32 -5.31
CA CYS A 3 5.05 6.66 -5.72
C CYS A 3 4.10 5.61 -5.16
N MET A 4 2.99 6.03 -4.68
CA MET A 4 2.02 5.06 -4.09
C MET A 4 0.79 4.87 -4.98
N ILE A 5 0.28 3.68 -4.98
CA ILE A 5 -0.92 3.37 -5.79
C ILE A 5 -2.02 2.87 -4.87
N LYS A 6 -3.15 2.55 -5.42
CA LYS A 6 -4.28 2.06 -4.58
C LYS A 6 -4.44 0.54 -4.73
N LYS A 7 -4.13 -0.21 -3.71
CA LYS A 7 -4.29 -1.69 -3.81
C LYS A 7 -5.58 -2.12 -3.15
N GLU A 8 -6.66 -1.53 -3.57
CA GLU A 8 -7.99 -1.88 -3.01
C GLU A 8 -8.32 -3.35 -3.29
N GLY A 9 -7.76 -3.90 -4.33
CA GLY A 9 -8.02 -5.33 -4.65
C GLY A 9 -7.46 -6.23 -3.56
N TRP A 10 -6.69 -5.67 -2.66
CA TRP A 10 -6.10 -6.49 -1.57
C TRP A 10 -7.00 -6.45 -0.33
N GLY A 11 -7.81 -5.44 -0.21
CA GLY A 11 -8.70 -5.33 0.98
C GLY A 11 -8.22 -4.21 1.89
N LYS A 12 -9.13 -3.46 2.45
CA LYS A 12 -8.74 -2.34 3.36
C LYS A 12 -7.54 -2.74 4.22
N CYS A 13 -6.86 -1.79 4.78
CA CYS A 13 -5.67 -2.11 5.63
C CYS A 13 -6.03 -2.00 7.10
N LEU A 14 -5.31 -2.71 7.93
CA LEU A 14 -5.59 -2.65 9.40
C LEU A 14 -4.49 -1.87 10.11
N ILE A 15 -3.30 -1.92 9.59
CA ILE A 15 -2.17 -1.17 10.24
C ILE A 15 -1.65 -0.08 9.30
N ASP A 16 -0.36 0.12 9.32
CA ASP A 16 0.26 1.14 8.43
C ASP A 16 1.27 0.44 7.53
N THR A 17 1.63 -0.77 7.87
CA THR A 17 2.61 -1.52 7.05
C THR A 17 1.93 -2.73 6.41
N THR A 18 0.94 -3.28 7.06
CA THR A 18 0.22 -4.45 6.49
C THR A 18 0.05 -4.25 4.99
N CYS A 19 -0.46 -3.11 4.60
CA CYS A 19 -0.63 -2.83 3.14
C CYS A 19 0.74 -2.85 2.48
N ALA A 20 1.69 -2.20 3.08
CA ALA A 20 3.06 -2.15 2.51
C ALA A 20 3.58 -3.56 2.22
N HIS A 21 3.35 -4.50 3.09
CA HIS A 21 3.83 -5.89 2.84
C HIS A 21 3.40 -6.35 1.45
N SER A 22 2.12 -6.34 1.20
CA SER A 22 1.63 -6.76 -0.14
C SER A 22 2.25 -5.87 -1.22
N CYS A 23 2.43 -4.62 -0.94
CA CYS A 23 3.04 -3.70 -1.94
C CYS A 23 4.45 -4.15 -2.28
N LYS A 24 5.32 -4.18 -1.31
CA LYS A 24 6.70 -4.61 -1.59
C LYS A 24 6.69 -5.93 -2.35
N ASN A 25 6.12 -6.95 -1.74
CA ASN A 25 6.05 -8.29 -2.40
C ASN A 25 5.55 -8.14 -3.84
N ARG A 26 4.75 -7.15 -4.11
CA ARG A 26 4.25 -6.96 -5.50
C ARG A 26 5.34 -6.28 -6.32
N GLY A 27 6.24 -5.61 -5.66
CA GLY A 27 7.33 -4.92 -6.38
C GLY A 27 7.34 -3.44 -6.01
N TYR A 28 7.02 -3.13 -4.78
CA TYR A 28 6.99 -1.69 -4.36
C TYR A 28 7.90 -1.47 -3.16
N ILE A 29 8.14 -0.23 -2.81
CA ILE A 29 9.01 0.06 -1.64
C ILE A 29 8.20 -0.17 -0.39
N GLY A 30 6.92 0.04 -0.50
CA GLY A 30 6.02 -0.16 0.67
C GLY A 30 4.59 0.18 0.29
N GLY A 31 3.76 0.52 1.24
CA GLY A 31 2.35 0.85 0.92
C GLY A 31 1.75 1.67 2.06
N ASN A 32 0.46 1.87 2.04
CA ASN A 32 -0.18 2.66 3.12
C ASN A 32 -1.53 2.08 3.51
N CYS A 33 -2.13 2.63 4.51
CA CYS A 33 -3.45 2.16 4.98
C CYS A 33 -4.36 3.36 5.23
N LYS A 34 -5.20 3.68 4.29
CA LYS A 34 -6.10 4.86 4.47
C LYS A 34 -7.29 4.50 5.36
N GLY A 35 -7.48 5.26 6.42
CA GLY A 35 -8.63 4.97 7.32
C GLY A 35 -9.90 5.61 6.75
N MET A 36 -9.76 6.74 6.11
CA MET A 36 -10.96 7.41 5.52
C MET A 36 -11.47 6.60 4.33
N THR A 37 -10.59 5.92 3.64
CA THR A 37 -11.03 5.11 2.47
C THR A 37 -10.73 3.63 2.71
N ARG A 38 -10.15 3.31 3.84
CA ARG A 38 -9.84 1.88 4.14
C ARG A 38 -9.27 1.20 2.89
N THR A 39 -8.23 1.75 2.34
CA THR A 39 -7.63 1.14 1.11
C THR A 39 -6.12 0.97 1.28
N CYS A 40 -5.56 -0.04 0.68
CA CYS A 40 -4.09 -0.28 0.79
C CYS A 40 -3.35 0.39 -0.37
N TYR A 41 -2.38 1.20 -0.09
CA TYR A 41 -1.61 1.85 -1.19
C TYR A 41 -0.21 1.24 -1.26
N CYS A 42 0.53 1.48 -2.29
CA CYS A 42 1.89 0.89 -2.37
C CYS A 42 2.89 1.88 -2.96
N LEU A 43 3.92 2.21 -2.21
CA LEU A 43 4.94 3.16 -2.74
C LEU A 43 5.98 2.44 -3.58
N VAL A 44 6.36 3.02 -4.67
CA VAL A 44 7.37 2.41 -5.57
C VAL A 44 8.51 3.39 -5.81
N ASN A 45 9.59 2.93 -6.34
CA ASN A 45 10.69 3.87 -6.63
C ASN A 45 10.30 4.63 -7.88
N CYS A 46 9.65 5.73 -7.67
CA CYS A 46 9.14 6.53 -8.80
C CYS A 46 9.78 7.92 -8.82
N ARG A 1 12.48 8.43 -5.36
CA ARG A 1 11.13 8.82 -5.85
C ARG A 1 10.17 7.65 -5.77
N THR A 2 8.94 7.90 -5.41
CA THR A 2 7.97 6.78 -5.34
C THR A 2 6.56 7.24 -5.66
N CYS A 3 5.76 6.32 -6.09
CA CYS A 3 4.33 6.65 -6.37
C CYS A 3 3.47 5.60 -5.69
N MET A 4 2.40 6.01 -5.11
CA MET A 4 1.51 5.05 -4.40
C MET A 4 0.19 4.83 -5.12
N ILE A 5 -0.35 3.66 -4.97
CA ILE A 5 -1.64 3.33 -5.62
C ILE A 5 -2.61 2.82 -4.56
N LYS A 6 -3.80 2.48 -4.96
CA LYS A 6 -4.80 1.96 -3.98
C LYS A 6 -4.91 0.44 -4.08
N LYS A 7 -4.42 -0.26 -3.10
CA LYS A 7 -4.50 -1.74 -3.15
C LYS A 7 -5.73 -2.21 -2.38
N GLU A 8 -6.86 -1.70 -2.73
CA GLU A 8 -8.13 -2.09 -2.04
C GLU A 8 -8.40 -3.59 -2.25
N GLY A 9 -8.02 -4.11 -3.39
CA GLY A 9 -8.27 -5.55 -3.66
C GLY A 9 -7.60 -6.39 -2.58
N TRP A 10 -6.72 -5.82 -1.82
CA TRP A 10 -6.03 -6.59 -0.74
C TRP A 10 -6.82 -6.50 0.56
N GLY A 11 -7.59 -5.46 0.74
CA GLY A 11 -8.37 -5.32 2.00
C GLY A 11 -7.86 -4.12 2.79
N LYS A 12 -8.75 -3.39 3.40
CA LYS A 12 -8.32 -2.21 4.20
C LYS A 12 -7.07 -2.54 5.02
N CYS A 13 -6.44 -1.55 5.59
CA CYS A 13 -5.21 -1.81 6.39
C CYS A 13 -5.39 -1.30 7.83
N LEU A 14 -4.68 -1.88 8.75
CA LEU A 14 -4.80 -1.44 10.17
C LEU A 14 -3.49 -0.82 10.64
N ILE A 15 -2.39 -1.25 10.09
CA ILE A 15 -1.07 -0.70 10.52
C ILE A 15 -0.53 0.27 9.46
N ASP A 16 0.76 0.30 9.30
CA ASP A 16 1.37 1.22 8.28
C ASP A 16 2.21 0.40 7.29
N THR A 17 2.70 -0.73 7.73
CA THR A 17 3.52 -1.58 6.83
C THR A 17 2.67 -2.76 6.31
N THR A 18 1.71 -3.18 7.10
CA THR A 18 0.84 -4.31 6.65
C THR A 18 0.52 -4.14 5.17
N CYS A 19 0.16 -2.96 4.76
CA CYS A 19 -0.14 -2.72 3.33
C CYS A 19 1.16 -2.72 2.52
N ALA A 20 2.14 -2.00 3.00
CA ALA A 20 3.45 -1.94 2.28
C ALA A 20 3.98 -3.35 1.98
N HIS A 21 3.89 -4.24 2.92
CA HIS A 21 4.38 -5.63 2.67
C HIS A 21 3.81 -6.15 1.36
N SER A 22 2.50 -6.20 1.26
CA SER A 22 1.87 -6.68 0.00
C SER A 22 2.33 -5.83 -1.17
N CYS A 23 2.49 -4.55 -0.96
CA CYS A 23 2.94 -3.65 -2.07
C CYS A 23 4.32 -4.08 -2.57
N LYS A 24 5.29 -4.08 -1.71
CA LYS A 24 6.66 -4.48 -2.14
C LYS A 24 6.59 -5.82 -2.86
N ASN A 25 6.13 -6.84 -2.19
CA ASN A 25 6.02 -8.19 -2.81
C ASN A 25 5.40 -8.09 -4.20
N ARG A 26 4.55 -7.12 -4.41
CA ARG A 26 3.92 -6.97 -5.75
C ARG A 26 4.92 -6.28 -6.67
N GLY A 27 5.84 -5.56 -6.11
CA GLY A 27 6.86 -4.87 -6.93
C GLY A 27 6.82 -3.38 -6.59
N TYR A 28 6.68 -3.05 -5.33
CA TYR A 28 6.64 -1.62 -4.94
C TYR A 28 7.65 -1.32 -3.84
N ILE A 29 7.90 -0.08 -3.57
CA ILE A 29 8.86 0.26 -2.49
C ILE A 29 8.18 0.06 -1.15
N GLY A 30 6.90 0.23 -1.15
CA GLY A 30 6.14 0.06 0.13
C GLY A 30 4.65 0.34 -0.11
N GLY A 31 3.94 0.69 0.93
CA GLY A 31 2.48 0.98 0.76
C GLY A 31 1.99 1.81 1.94
N ASN A 32 0.70 1.92 2.10
CA ASN A 32 0.16 2.71 3.24
C ASN A 32 -1.16 2.12 3.75
N CYS A 33 -1.68 2.70 4.78
CA CYS A 33 -2.96 2.21 5.37
C CYS A 33 -3.86 3.42 5.69
N LYS A 34 -4.77 3.74 4.83
CA LYS A 34 -5.66 4.90 5.10
C LYS A 34 -6.77 4.52 6.08
N GLY A 35 -6.97 5.30 7.10
CA GLY A 35 -8.04 4.97 8.09
C GLY A 35 -9.39 5.45 7.55
N MET A 36 -9.52 6.71 7.25
CA MET A 36 -10.82 7.22 6.73
C MET A 36 -11.15 6.54 5.39
N THR A 37 -10.19 5.86 4.81
CA THR A 37 -10.45 5.17 3.52
C THR A 37 -10.29 3.66 3.69
N ARG A 38 -9.69 3.23 4.77
CA ARG A 38 -9.51 1.77 4.99
C ARG A 38 -9.03 1.10 3.69
N THR A 39 -7.95 1.58 3.14
CA THR A 39 -7.43 0.98 1.87
C THR A 39 -5.90 0.88 1.91
N CYS A 40 -5.36 -0.13 1.29
CA CYS A 40 -3.89 -0.32 1.28
C CYS A 40 -3.26 0.35 0.07
N TYR A 41 -2.33 1.25 0.26
CA TYR A 41 -1.69 1.90 -0.92
C TYR A 41 -0.30 1.30 -1.13
N CYS A 42 0.29 1.49 -2.27
CA CYS A 42 1.65 0.91 -2.50
C CYS A 42 2.55 1.89 -3.23
N LEU A 43 3.66 2.25 -2.62
CA LEU A 43 4.60 3.20 -3.29
C LEU A 43 5.57 2.47 -4.19
N VAL A 44 5.84 3.04 -5.32
CA VAL A 44 6.79 2.41 -6.30
C VAL A 44 7.87 3.41 -6.67
N ASN A 45 8.90 2.96 -7.30
CA ASN A 45 9.95 3.91 -7.71
C ASN A 45 9.43 4.65 -8.93
N CYS A 46 8.79 5.75 -8.66
CA CYS A 46 8.17 6.53 -9.75
C CYS A 46 8.76 7.94 -9.83
N ARG A 1 13.54 7.94 -4.22
CA ARG A 1 12.16 8.48 -4.04
C ARG A 1 11.13 7.36 -4.25
N THR A 2 9.90 7.63 -3.91
CA THR A 2 8.86 6.59 -4.10
C THR A 2 7.49 7.23 -4.30
N CYS A 3 6.59 6.51 -4.89
CA CYS A 3 5.22 7.02 -5.08
C CYS A 3 4.22 5.99 -4.57
N MET A 4 3.22 6.43 -3.90
CA MET A 4 2.22 5.48 -3.34
C MET A 4 0.87 5.62 -4.03
N ILE A 5 0.19 4.52 -4.18
CA ILE A 5 -1.13 4.54 -4.85
C ILE A 5 -2.17 3.94 -3.91
N LYS A 6 -3.40 3.92 -4.33
CA LYS A 6 -4.48 3.36 -3.47
C LYS A 6 -4.79 1.93 -3.89
N LYS A 7 -4.42 0.96 -3.08
CA LYS A 7 -4.72 -0.45 -3.46
C LYS A 7 -6.00 -0.91 -2.78
N GLU A 8 -7.05 -0.17 -3.02
CA GLU A 8 -8.37 -0.53 -2.42
C GLU A 8 -8.87 -1.85 -3.00
N GLY A 9 -8.40 -2.22 -4.15
CA GLY A 9 -8.85 -3.50 -4.78
C GLY A 9 -8.31 -4.68 -3.98
N TRP A 10 -7.42 -4.44 -3.05
CA TRP A 10 -6.86 -5.55 -2.25
C TRP A 10 -7.65 -5.72 -0.95
N GLY A 11 -8.42 -4.74 -0.58
CA GLY A 11 -9.22 -4.82 0.68
C GLY A 11 -8.64 -3.88 1.71
N LYS A 12 -9.48 -3.23 2.47
CA LYS A 12 -8.99 -2.28 3.50
C LYS A 12 -7.75 -2.86 4.20
N CYS A 13 -7.00 -2.03 4.88
CA CYS A 13 -5.79 -2.54 5.57
C CYS A 13 -6.06 -2.75 7.06
N LEU A 14 -5.30 -3.62 7.67
CA LEU A 14 -5.48 -3.88 9.12
C LEU A 14 -4.25 -3.41 9.89
N ILE A 15 -3.12 -3.45 9.28
CA ILE A 15 -1.86 -3.01 9.96
C ILE A 15 -1.21 -1.85 9.20
N ASP A 16 0.09 -1.84 9.12
CA ASP A 16 0.79 -0.74 8.39
C ASP A 16 1.71 -1.34 7.31
N THR A 17 2.07 -2.59 7.46
CA THR A 17 2.94 -3.25 6.46
C THR A 17 2.13 -4.24 5.63
N THR A 18 1.13 -4.84 6.23
CA THR A 18 0.29 -5.81 5.47
C THR A 18 0.05 -5.27 4.06
N CYS A 19 -0.39 -4.04 3.96
CA CYS A 19 -0.61 -3.44 2.62
C CYS A 19 0.72 -3.40 1.86
N ALA A 20 1.73 -2.88 2.50
CA ALA A 20 3.07 -2.79 1.85
C ALA A 20 3.47 -4.15 1.26
N HIS A 21 3.16 -5.22 1.94
CA HIS A 21 3.52 -6.56 1.41
C HIS A 21 2.96 -6.74 0.00
N SER A 22 1.66 -6.70 -0.12
CA SER A 22 1.04 -6.84 -1.47
C SER A 22 1.66 -5.83 -2.44
N CYS A 23 1.91 -4.64 -1.97
CA CYS A 23 2.51 -3.59 -2.86
C CYS A 23 3.84 -4.09 -3.43
N LYS A 24 4.79 -4.34 -2.58
CA LYS A 24 6.11 -4.82 -3.07
C LYS A 24 5.90 -6.01 -4.01
N ASN A 25 5.32 -7.06 -3.50
CA ASN A 25 5.06 -8.27 -4.34
C ASN A 25 4.47 -7.86 -5.69
N ARG A 26 3.75 -6.79 -5.73
CA ARG A 26 3.15 -6.34 -7.03
C ARG A 26 4.22 -5.60 -7.82
N GLY A 27 5.21 -5.08 -7.14
CA GLY A 27 6.29 -4.35 -7.83
C GLY A 27 6.43 -2.96 -7.21
N TYR A 28 6.38 -2.88 -5.91
CA TYR A 28 6.50 -1.55 -5.24
C TYR A 28 7.54 -1.60 -4.13
N ILE A 29 7.89 -0.46 -3.61
CA ILE A 29 8.89 -0.43 -2.50
C ILE A 29 8.17 -0.79 -1.21
N GLY A 30 6.92 -0.47 -1.16
CA GLY A 30 6.11 -0.76 0.06
C GLY A 30 4.68 -0.25 -0.13
N GLY A 31 3.96 -0.06 0.95
CA GLY A 31 2.57 0.44 0.83
C GLY A 31 2.11 1.03 2.17
N ASN A 32 0.87 1.40 2.27
CA ASN A 32 0.37 1.96 3.55
C ASN A 32 -1.11 1.65 3.74
N CYS A 33 -1.63 2.03 4.86
CA CYS A 33 -3.07 1.78 5.16
C CYS A 33 -3.78 3.09 5.48
N LYS A 34 -4.20 3.82 4.49
CA LYS A 34 -4.88 5.11 4.76
C LYS A 34 -5.81 5.48 3.58
N GLY A 35 -6.59 6.52 3.74
CA GLY A 35 -7.51 6.92 2.64
C GLY A 35 -8.86 7.31 3.24
N MET A 36 -9.86 6.49 3.04
CA MET A 36 -11.21 6.80 3.60
C MET A 36 -11.59 5.76 4.65
N THR A 37 -10.91 4.65 4.65
CA THR A 37 -11.21 3.58 5.65
C THR A 37 -10.06 2.58 5.70
N ARG A 38 -8.88 3.05 6.02
CA ARG A 38 -7.71 2.13 6.09
C ARG A 38 -7.49 1.47 4.73
N THR A 39 -7.29 2.26 3.71
CA THR A 39 -7.08 1.67 2.35
C THR A 39 -5.61 1.29 2.19
N CYS A 40 -5.34 0.30 1.38
CA CYS A 40 -3.92 -0.15 1.20
C CYS A 40 -3.22 0.68 0.12
N TYR A 41 -2.15 1.34 0.46
CA TYR A 41 -1.41 2.12 -0.56
C TYR A 41 -0.13 1.38 -0.92
N CYS A 42 0.55 1.80 -1.95
CA CYS A 42 1.81 1.09 -2.32
C CYS A 42 2.85 2.07 -2.86
N LEU A 43 3.97 2.17 -2.21
CA LEU A 43 5.03 3.12 -2.68
C LEU A 43 5.91 2.45 -3.72
N VAL A 44 6.25 3.17 -4.74
CA VAL A 44 7.12 2.62 -5.82
C VAL A 44 8.30 3.53 -6.04
N ASN A 45 9.28 3.06 -6.76
CA ASN A 45 10.44 3.93 -7.04
C ASN A 45 10.00 4.91 -8.10
N CYS A 46 9.48 6.02 -7.66
CA CYS A 46 8.95 7.03 -8.59
C CYS A 46 9.71 8.35 -8.45
N ARG A 1 12.97 8.54 -4.95
CA ARG A 1 11.56 8.97 -4.83
C ARG A 1 10.62 7.77 -4.93
N THR A 2 9.37 7.96 -4.61
CA THR A 2 8.41 6.84 -4.69
C THR A 2 7.01 7.34 -4.96
N CYS A 3 6.17 6.49 -5.47
CA CYS A 3 4.77 6.88 -5.72
C CYS A 3 3.85 5.82 -5.12
N MET A 4 2.81 6.24 -4.49
CA MET A 4 1.87 5.27 -3.86
C MET A 4 0.55 5.20 -4.62
N ILE A 5 0.00 4.03 -4.69
CA ILE A 5 -1.29 3.85 -5.40
C ILE A 5 -2.31 3.25 -4.44
N LYS A 6 -3.49 3.03 -4.90
CA LYS A 6 -4.55 2.45 -4.02
C LYS A 6 -4.73 0.96 -4.30
N LYS A 7 -4.29 0.11 -3.41
CA LYS A 7 -4.45 -1.35 -3.65
C LYS A 7 -5.73 -1.84 -2.97
N GLU A 8 -6.82 -1.23 -3.29
CA GLU A 8 -8.12 -1.63 -2.68
C GLU A 8 -8.48 -3.05 -3.11
N GLY A 9 -7.95 -3.50 -4.21
CA GLY A 9 -8.27 -4.89 -4.67
C GLY A 9 -7.64 -5.90 -3.72
N TRP A 10 -6.87 -5.44 -2.77
CA TRP A 10 -6.23 -6.39 -1.82
C TRP A 10 -7.06 -6.49 -0.53
N GLY A 11 -7.89 -5.53 -0.27
CA GLY A 11 -8.73 -5.56 0.96
C GLY A 11 -8.21 -4.52 1.95
N LYS A 12 -9.09 -3.89 2.66
CA LYS A 12 -8.67 -2.86 3.65
C LYS A 12 -7.40 -3.31 4.37
N CYS A 13 -6.71 -2.40 5.00
CA CYS A 13 -5.46 -2.78 5.72
C CYS A 13 -5.72 -2.87 7.22
N LEU A 14 -4.96 -3.69 7.90
CA LEU A 14 -5.14 -3.84 9.37
C LEU A 14 -4.02 -3.13 10.11
N ILE A 15 -2.85 -3.10 9.53
CA ILE A 15 -1.70 -2.41 10.19
C ILE A 15 -1.24 -1.22 9.35
N ASP A 16 -0.01 -0.81 9.54
CA ASP A 16 0.53 0.33 8.75
C ASP A 16 1.51 -0.22 7.72
N THR A 17 1.92 -1.44 7.90
CA THR A 17 2.88 -2.06 6.94
C THR A 17 2.19 -3.21 6.19
N THR A 18 1.20 -3.82 6.79
CA THR A 18 0.50 -4.94 6.10
C THR A 18 0.32 -4.58 4.62
N CYS A 19 -0.33 -3.50 4.35
CA CYS A 19 -0.50 -3.08 2.93
C CYS A 19 0.87 -3.04 2.25
N ALA A 20 1.79 -2.34 2.85
CA ALA A 20 3.16 -2.22 2.28
C ALA A 20 3.70 -3.60 1.86
N HIS A 21 3.49 -4.60 2.66
CA HIS A 21 4.00 -5.96 2.30
C HIS A 21 3.48 -6.34 0.91
N SER A 22 2.18 -6.44 0.76
CA SER A 22 1.61 -6.79 -0.56
C SER A 22 2.18 -5.87 -1.64
N CYS A 23 2.35 -4.61 -1.32
CA CYS A 23 2.90 -3.66 -2.31
C CYS A 23 4.29 -4.10 -2.77
N LYS A 24 5.22 -4.20 -1.88
CA LYS A 24 6.58 -4.64 -2.27
C LYS A 24 6.48 -5.91 -3.11
N ASN A 25 5.97 -6.96 -2.52
CA ASN A 25 5.83 -8.25 -3.26
C ASN A 25 5.19 -8.02 -4.62
N ARG A 26 4.36 -7.03 -4.74
CA ARG A 26 3.72 -6.75 -6.06
C ARG A 26 4.72 -6.02 -6.95
N GLY A 27 5.70 -5.42 -6.34
CA GLY A 27 6.73 -4.69 -7.13
C GLY A 27 6.77 -3.23 -6.69
N TYR A 28 6.66 -2.99 -5.40
CA TYR A 28 6.68 -1.57 -4.92
C TYR A 28 7.69 -1.40 -3.80
N ILE A 29 7.95 -0.18 -3.41
CA ILE A 29 8.92 0.06 -2.31
C ILE A 29 8.21 -0.20 -1.00
N GLY A 30 6.92 0.01 -1.00
CA GLY A 30 6.13 -0.22 0.24
C GLY A 30 4.67 0.15 -0.01
N GLY A 31 3.93 0.42 1.02
CA GLY A 31 2.49 0.78 0.83
C GLY A 31 1.97 1.50 2.07
N ASN A 32 0.68 1.62 2.20
CA ASN A 32 0.12 2.32 3.39
C ASN A 32 -1.27 1.77 3.73
N CYS A 33 -1.83 2.28 4.79
CA CYS A 33 -3.18 1.83 5.22
C CYS A 33 -4.00 3.06 5.65
N LYS A 34 -4.84 3.55 4.79
CA LYS A 34 -5.64 4.76 5.15
C LYS A 34 -6.84 4.38 6.04
N GLY A 35 -6.91 4.95 7.20
CA GLY A 35 -8.06 4.64 8.11
C GLY A 35 -9.31 5.36 7.62
N MET A 36 -9.13 6.46 6.95
CA MET A 36 -10.31 7.22 6.43
C MET A 36 -10.95 6.45 5.27
N THR A 37 -10.17 5.68 4.57
CA THR A 37 -10.73 4.90 3.42
C THR A 37 -10.47 3.41 3.61
N ARG A 38 -9.85 3.05 4.71
CA ARG A 38 -9.56 1.60 4.96
C ARG A 38 -9.07 0.95 3.67
N THR A 39 -8.04 1.49 3.07
CA THR A 39 -7.52 0.90 1.81
C THR A 39 -6.01 0.69 1.89
N CYS A 40 -5.46 -0.07 0.98
CA CYS A 40 -4.00 -0.34 1.00
C CYS A 40 -3.31 0.42 -0.13
N TYR A 41 -2.32 1.21 0.18
CA TYR A 41 -1.59 1.95 -0.90
C TYR A 41 -0.22 1.30 -1.11
N CYS A 42 0.45 1.61 -2.18
CA CYS A 42 1.79 1.00 -2.41
C CYS A 42 2.76 2.00 -3.03
N LEU A 43 3.84 2.29 -2.35
CA LEU A 43 4.82 3.26 -2.91
C LEU A 43 5.77 2.55 -3.87
N VAL A 44 6.06 3.18 -4.97
CA VAL A 44 6.97 2.58 -5.97
C VAL A 44 8.10 3.53 -6.29
N ASN A 45 9.11 3.07 -6.96
CA ASN A 45 10.21 3.99 -7.33
C ASN A 45 9.71 4.83 -8.49
N CYS A 46 9.12 5.93 -8.15
CA CYS A 46 8.54 6.80 -9.20
C CYS A 46 9.20 8.19 -9.18
#